data_2YRI
#
_entry.id   2YRI
#
_cell.length_a   81.299
_cell.length_b   81.299
_cell.length_c   204.082
_cell.angle_alpha   90.00
_cell.angle_beta   90.00
_cell.angle_gamma   120.00
#
_symmetry.space_group_name_H-M   'P 31 2 1'
#
loop_
_entity.id
_entity.type
_entity.pdbx_description
1 polymer 'Aminotransferase, class V'
2 non-polymer '(S,E)-3-HYDROXY-2-((3-HYDROXY-2-METHYL-5-(PHOSPHONOOXYMETHYL)PYRIDIN-4-YL)METHYLENEAMINO)-2-METHYLPROPANOIC ACID'
3 non-polymer "4'-DEOXY-4'-AMINOPYRIDOXAL-5'-PHOSPHATE"
4 water water
#
_entity_poly.entity_id   1
_entity_poly.type   'polypeptide(L)'
_entity_poly.pdbx_seq_one_letter_code
;MLLLTPGPTPIPERVQKALLRPMRGHLDPEVLRVNRAIQERLAALFDPGEGALVAALAGSGSLGMEAGLANLDRGPVLVL
VNGAFSQRVAEMAALHGLDPEVLDFPPGEPVDPEAVARALKRRRYRMVALVHGETSTGVLNPAEAIGALAKEAGALFFLD
AVTTLGMLPFSMRAMGVDYAFTGSQKCLSAPPGLAPIAASLEARKAFTGKRGWYLDLARVAEHWERGGYHHTTPVLLHYA
LLEALDLVLEEGVAARERRAREVYAWVLEELKARGFRPYPKASPLPTVLVVRPPEGVDADRLVRALYAEGVAVAGGIGPT
RGQVLRLGLMGEGARREAYQAFLKALDRALALA
;
_entity_poly.pdbx_strand_id   A,B
#
# COMPACT_ATOMS: atom_id res chain seq x y z
N MET A 1 22.21 11.04 -7.80
CA MET A 1 21.23 10.84 -8.90
C MET A 1 20.10 11.87 -8.78
N LEU A 2 20.21 12.94 -9.56
CA LEU A 2 19.19 13.98 -9.56
C LEU A 2 17.90 13.34 -10.06
N LEU A 3 16.83 13.47 -9.27
CA LEU A 3 15.55 12.85 -9.60
C LEU A 3 14.60 13.75 -10.40
N LEU A 4 14.57 13.59 -11.71
CA LEU A 4 13.68 14.39 -12.54
C LEU A 4 12.59 13.58 -13.23
N THR A 5 12.24 12.46 -12.64
CA THR A 5 11.17 11.62 -13.19
C THR A 5 9.86 12.32 -12.83
N PRO A 6 8.86 12.29 -13.72
CA PRO A 6 7.59 12.94 -13.41
C PRO A 6 6.82 12.09 -12.39
N GLY A 7 7.49 11.81 -11.27
CA GLY A 7 6.92 10.98 -10.23
C GLY A 7 7.67 9.65 -10.23
N PRO A 8 8.31 9.27 -9.12
CA PRO A 8 8.40 9.99 -7.85
C PRO A 8 9.17 11.30 -7.99
N THR A 9 9.14 12.12 -6.94
CA THR A 9 9.82 13.42 -6.97
C THR A 9 10.79 13.56 -5.81
N PRO A 10 11.72 14.53 -5.90
CA PRO A 10 12.71 14.75 -4.83
C PRO A 10 12.03 15.05 -3.49
N ILE A 11 12.57 14.49 -2.42
CA ILE A 11 12.01 14.67 -1.09
C ILE A 11 12.88 15.62 -0.25
N PRO A 12 12.28 16.70 0.27
CA PRO A 12 12.99 17.68 1.09
C PRO A 12 13.49 17.01 2.38
N GLU A 13 14.69 17.32 2.83
CA GLU A 13 15.22 16.75 4.07
C GLU A 13 14.18 16.79 5.17
N ARG A 14 13.55 17.96 5.31
CA ARG A 14 12.54 18.20 6.34
C ARG A 14 11.46 17.12 6.31
N VAL A 15 11.07 16.71 5.12
CA VAL A 15 10.06 15.68 4.97
C VAL A 15 10.61 14.29 5.21
N GLN A 16 11.74 13.97 4.57
CA GLN A 16 12.32 12.64 4.74
C GLN A 16 12.77 12.41 6.18
N LYS A 17 13.23 13.46 6.84
CA LYS A 17 13.68 13.34 8.22
C LYS A 17 12.52 12.96 9.13
N ALA A 18 11.31 13.41 8.77
CA ALA A 18 10.13 13.09 9.58
C ALA A 18 9.97 11.58 9.75
N LEU A 19 10.52 10.81 8.81
CA LEU A 19 10.44 9.34 8.87
C LEU A 19 11.23 8.77 10.03
N LEU A 20 12.04 9.61 10.68
CA LEU A 20 12.87 9.20 11.81
C LEU A 20 12.17 9.27 13.16
N ARG A 21 11.02 9.96 13.21
CA ARG A 21 10.28 10.08 14.46
C ARG A 21 9.85 8.73 15.01
N PRO A 22 9.79 8.60 16.34
CA PRO A 22 9.40 7.38 17.06
C PRO A 22 8.20 6.66 16.47
N MET A 23 8.37 5.36 16.23
CA MET A 23 7.32 4.52 15.68
C MET A 23 6.20 4.34 16.70
N ARG A 24 4.96 4.31 16.23
CA ARG A 24 3.79 4.14 17.10
C ARG A 24 2.77 3.23 16.44
N GLY A 25 1.84 2.71 17.24
CA GLY A 25 0.81 1.86 16.72
C GLY A 25 -0.14 2.66 15.84
N HIS A 26 -0.77 1.98 14.89
CA HIS A 26 -1.71 2.61 13.95
C HIS A 26 -2.96 3.14 14.64
N LEU A 27 -3.23 2.66 15.85
CA LEU A 27 -4.39 3.12 16.62
C LEU A 27 -3.98 4.01 17.79
N ASP A 28 -2.69 4.32 17.90
CA ASP A 28 -2.21 5.20 18.96
C ASP A 28 -2.93 6.53 18.75
N PRO A 29 -3.54 7.08 19.81
CA PRO A 29 -4.25 8.36 19.65
C PRO A 29 -3.41 9.44 18.96
N GLU A 30 -2.10 9.42 19.16
CA GLU A 30 -1.24 10.41 18.51
C GLU A 30 -1.29 10.24 16.99
N VAL A 31 -1.22 8.99 16.54
CA VAL A 31 -1.27 8.72 15.11
C VAL A 31 -2.65 9.09 14.61
N LEU A 32 -3.68 8.76 15.38
CA LEU A 32 -5.04 9.09 15.00
C LEU A 32 -5.18 10.60 14.82
N ARG A 33 -4.46 11.37 15.64
CA ARG A 33 -4.53 12.82 15.55
C ARG A 33 -3.70 13.31 14.36
N VAL A 34 -2.65 12.55 14.03
CA VAL A 34 -1.81 12.89 12.89
C VAL A 34 -2.66 12.67 11.64
N ASN A 35 -3.49 11.63 11.66
CA ASN A 35 -4.37 11.31 10.56
C ASN A 35 -5.43 12.39 10.41
N ARG A 36 -5.83 12.94 11.55
CA ARG A 36 -6.83 14.00 11.55
C ARG A 36 -6.23 15.23 10.89
N ALA A 37 -5.00 15.55 11.28
CA ALA A 37 -4.29 16.69 10.72
C ALA A 37 -4.10 16.53 9.22
N ILE A 38 -3.76 15.31 8.79
CA ILE A 38 -3.56 15.02 7.37
C ILE A 38 -4.84 15.32 6.58
N GLN A 39 -5.96 14.87 7.11
CA GLN A 39 -7.25 15.08 6.46
C GLN A 39 -7.53 16.57 6.28
N GLU A 40 -7.20 17.36 7.29
CA GLU A 40 -7.44 18.80 7.25
C GLU A 40 -6.57 19.49 6.19
N ARG A 41 -5.31 19.05 6.08
CA ARG A 41 -4.41 19.64 5.09
C ARG A 41 -4.86 19.25 3.68
N LEU A 42 -5.23 17.98 3.51
CA LEU A 42 -5.70 17.49 2.22
C LEU A 42 -7.00 18.17 1.80
N ALA A 43 -7.88 18.43 2.77
CA ALA A 43 -9.15 19.10 2.48
C ALA A 43 -8.91 20.52 1.97
N ALA A 44 -7.84 21.15 2.45
CA ALA A 44 -7.50 22.50 2.01
C ALA A 44 -7.05 22.45 0.55
N LEU A 45 -6.44 21.34 0.15
CA LEU A 45 -6.00 21.19 -1.22
C LEU A 45 -7.12 20.68 -2.11
N PHE A 46 -7.84 19.65 -1.64
CA PHE A 46 -8.95 19.06 -2.40
C PHE A 46 -10.20 19.94 -2.51
N ASP A 47 -10.54 20.61 -1.41
CA ASP A 47 -11.76 21.44 -1.34
C ASP A 47 -12.93 20.53 -1.72
N PRO A 48 -13.09 19.40 -1.01
CA PRO A 48 -14.12 18.35 -1.17
C PRO A 48 -15.57 18.57 -0.76
N GLY A 49 -15.85 19.53 0.10
CA GLY A 49 -17.23 19.74 0.52
C GLY A 49 -17.57 18.88 1.72
N GLU A 50 -18.53 19.35 2.52
CA GLU A 50 -18.92 18.62 3.73
C GLU A 50 -19.39 17.19 3.56
N GLY A 51 -19.14 16.38 4.58
CA GLY A 51 -19.54 14.98 4.54
C GLY A 51 -18.68 14.12 3.64
N ALA A 52 -17.65 14.72 3.06
CA ALA A 52 -16.76 14.01 2.15
C ALA A 52 -15.78 13.13 2.90
N LEU A 53 -15.40 12.01 2.28
CA LEU A 53 -14.42 11.11 2.86
C LEU A 53 -13.05 11.55 2.37
N VAL A 54 -12.15 11.84 3.32
CA VAL A 54 -10.80 12.24 2.98
C VAL A 54 -9.86 11.30 3.71
N ALA A 55 -8.97 10.67 2.97
CA ALA A 55 -8.03 9.74 3.58
C ALA A 55 -6.79 9.60 2.72
N ALA A 56 -5.87 8.78 3.21
CA ALA A 56 -4.62 8.49 2.50
C ALA A 56 -4.49 6.96 2.53
N LEU A 57 -4.87 6.33 1.43
CA LEU A 57 -4.82 4.87 1.34
C LEU A 57 -3.39 4.38 1.41
N ALA A 58 -3.20 3.19 1.96
CA ALA A 58 -1.88 2.58 2.08
C ALA A 58 -1.53 1.87 0.77
N GLY A 59 -1.11 2.67 -0.21
CA GLY A 59 -0.74 2.14 -1.51
C GLY A 59 -0.31 3.26 -2.45
N SER A 60 -0.04 2.93 -3.71
CA SER A 60 0.40 3.95 -4.66
C SER A 60 -0.81 4.69 -5.25
N GLY A 61 -0.55 5.61 -6.19
CA GLY A 61 -1.64 6.34 -6.80
C GLY A 61 -2.66 5.45 -7.48
N SER A 62 -2.21 4.33 -8.05
CA SER A 62 -3.10 3.40 -8.72
C SER A 62 -4.17 2.85 -7.79
N LEU A 63 -3.79 2.61 -6.53
CA LEU A 63 -4.74 2.10 -5.56
C LEU A 63 -5.85 3.13 -5.41
N GLY A 64 -5.46 4.40 -5.31
CA GLY A 64 -6.44 5.46 -5.19
C GLY A 64 -7.35 5.46 -6.40
N MET A 65 -6.76 5.21 -7.56
CA MET A 65 -7.53 5.18 -8.81
C MET A 65 -8.58 4.05 -8.78
N GLU A 66 -8.12 2.84 -8.47
CA GLU A 66 -9.01 1.68 -8.43
C GLU A 66 -10.09 1.78 -7.34
N ALA A 67 -9.76 2.40 -6.22
CA ALA A 67 -10.71 2.55 -5.13
C ALA A 67 -11.92 3.37 -5.58
N GLY A 68 -11.67 4.34 -6.45
CA GLY A 68 -12.73 5.19 -6.94
C GLY A 68 -13.61 4.50 -7.95
N LEU A 69 -13.22 3.30 -8.36
CA LEU A 69 -13.98 2.54 -9.34
C LEU A 69 -14.59 1.26 -8.76
N ALA A 70 -13.78 0.48 -8.05
CA ALA A 70 -14.24 -0.78 -7.47
C ALA A 70 -15.42 -0.65 -6.51
N ASN A 71 -15.58 0.51 -5.88
CA ASN A 71 -16.68 0.72 -4.95
C ASN A 71 -17.96 1.24 -5.61
N LEU A 72 -17.90 1.54 -6.90
CA LEU A 72 -19.07 2.07 -7.61
C LEU A 72 -20.16 1.01 -7.77
N ASP A 73 -21.38 1.36 -7.37
CA ASP A 73 -22.49 0.44 -7.47
C ASP A 73 -22.72 -0.12 -8.88
N ARG A 74 -22.71 0.76 -9.88
CA ARG A 74 -22.94 0.32 -11.25
C ARG A 74 -22.43 1.28 -12.29
N GLY A 75 -22.43 0.82 -13.54
CA GLY A 75 -22.02 1.66 -14.65
C GLY A 75 -23.30 2.17 -15.29
N PRO A 76 -23.25 2.66 -16.52
CA PRO A 76 -22.05 2.76 -17.35
C PRO A 76 -21.15 3.94 -16.95
N VAL A 77 -19.90 3.88 -17.39
CA VAL A 77 -18.93 4.93 -17.10
C VAL A 77 -18.28 5.46 -18.37
N LEU A 78 -18.40 6.77 -18.58
CA LEU A 78 -17.82 7.41 -19.75
C LEU A 78 -16.37 7.78 -19.46
N VAL A 79 -15.44 6.96 -19.95
CA VAL A 79 -14.01 7.21 -19.72
C VAL A 79 -13.41 8.05 -20.86
N LEU A 80 -13.00 9.26 -20.52
CA LEU A 80 -12.41 10.18 -21.47
C LEU A 80 -10.91 9.87 -21.57
N VAL A 81 -10.53 9.26 -22.69
CA VAL A 81 -9.15 8.85 -22.88
C VAL A 81 -8.33 9.65 -23.89
N ASN A 82 -7.12 10.01 -23.49
CA ASN A 82 -6.20 10.72 -24.37
C ASN A 82 -4.78 10.49 -23.85
N GLY A 83 -4.60 9.35 -23.18
CA GLY A 83 -3.30 9.02 -22.63
C GLY A 83 -3.25 7.68 -21.91
N ALA A 84 -2.04 7.25 -21.57
CA ALA A 84 -1.81 6.00 -20.87
C ALA A 84 -2.62 5.83 -19.59
N PHE A 85 -2.66 6.87 -18.77
CA PHE A 85 -3.37 6.74 -17.50
C PHE A 85 -4.89 6.77 -17.53
N SER A 86 -5.47 7.43 -18.54
CA SER A 86 -6.92 7.41 -18.65
C SER A 86 -7.24 6.04 -19.25
N GLN A 87 -6.26 5.46 -19.95
CA GLN A 87 -6.40 4.13 -20.53
C GLN A 87 -6.43 3.14 -19.35
N ARG A 88 -5.62 3.41 -18.33
CA ARG A 88 -5.59 2.54 -17.16
C ARG A 88 -6.94 2.58 -16.45
N VAL A 89 -7.58 3.76 -16.45
CA VAL A 89 -8.89 3.91 -15.83
C VAL A 89 -9.91 3.03 -16.56
N ALA A 90 -9.91 3.10 -17.89
CA ALA A 90 -10.84 2.29 -18.66
C ALA A 90 -10.56 0.83 -18.38
N GLU A 91 -9.29 0.49 -18.27
CA GLU A 91 -8.86 -0.88 -18.01
C GLU A 91 -9.44 -1.38 -16.67
N MET A 92 -9.36 -0.55 -15.64
CA MET A 92 -9.89 -0.92 -14.32
C MET A 92 -11.41 -1.00 -14.32
N ALA A 93 -12.06 -0.04 -14.98
CA ALA A 93 -13.51 -0.02 -15.05
C ALA A 93 -14.04 -1.31 -15.68
N ALA A 94 -13.43 -1.72 -16.78
CA ALA A 94 -13.82 -2.93 -17.48
C ALA A 94 -13.66 -4.12 -16.55
N LEU A 95 -12.51 -4.20 -15.90
CA LEU A 95 -12.24 -5.29 -14.98
C LEU A 95 -13.35 -5.42 -13.93
N HIS A 96 -13.83 -4.29 -13.43
CA HIS A 96 -14.86 -4.28 -12.40
C HIS A 96 -16.33 -4.30 -12.89
N GLY A 97 -16.52 -4.57 -14.18
CA GLY A 97 -17.86 -4.65 -14.74
C GLY A 97 -18.68 -3.37 -14.72
N LEU A 98 -18.01 -2.22 -14.83
CA LEU A 98 -18.72 -0.95 -14.82
C LEU A 98 -19.15 -0.57 -16.25
N ASP A 99 -19.05 -1.53 -17.17
CA ASP A 99 -19.42 -1.33 -18.57
C ASP A 99 -18.96 0.05 -19.06
N PRO A 100 -17.65 0.26 -19.09
CA PRO A 100 -17.14 1.56 -19.54
C PRO A 100 -17.33 1.80 -21.03
N GLU A 101 -17.41 3.08 -21.40
CA GLU A 101 -17.56 3.52 -22.78
C GLU A 101 -16.42 4.50 -23.00
N VAL A 102 -15.51 4.18 -23.92
CA VAL A 102 -14.37 5.06 -24.18
C VAL A 102 -14.61 6.10 -25.26
N LEU A 103 -14.29 7.35 -24.93
CA LEU A 103 -14.38 8.46 -25.86
C LEU A 103 -12.92 8.87 -26.00
N ASP A 104 -12.30 8.42 -27.08
CA ASP A 104 -10.88 8.69 -27.38
C ASP A 104 -10.57 10.02 -28.03
N PHE A 105 -9.38 10.53 -27.71
CA PHE A 105 -8.86 11.76 -28.28
C PHE A 105 -7.39 11.45 -28.54
N PRO A 106 -6.82 12.00 -29.61
CA PRO A 106 -5.41 11.75 -29.92
C PRO A 106 -4.43 12.12 -28.80
N PRO A 107 -3.45 11.23 -28.54
CA PRO A 107 -2.44 11.49 -27.51
C PRO A 107 -1.75 12.79 -27.91
N GLY A 108 -1.56 13.70 -26.96
CA GLY A 108 -0.93 14.96 -27.30
C GLY A 108 -1.96 16.05 -27.50
N GLU A 109 -3.23 15.67 -27.53
CA GLU A 109 -4.32 16.62 -27.68
C GLU A 109 -5.23 16.54 -26.47
N PRO A 110 -5.74 17.68 -25.99
CA PRO A 110 -6.62 17.69 -24.84
C PRO A 110 -7.98 17.09 -25.14
N VAL A 111 -8.70 16.69 -24.10
CA VAL A 111 -10.04 16.15 -24.25
C VAL A 111 -10.91 17.34 -24.65
N ASP A 112 -11.83 17.11 -25.57
CA ASP A 112 -12.71 18.17 -26.08
C ASP A 112 -14.08 18.18 -25.40
N PRO A 113 -14.33 19.23 -24.58
CA PRO A 113 -15.63 19.31 -23.88
C PRO A 113 -16.84 19.25 -24.82
N GLU A 114 -16.75 19.89 -25.99
CA GLU A 114 -17.87 19.84 -26.94
C GLU A 114 -18.16 18.39 -27.29
N ALA A 115 -17.10 17.60 -27.49
CA ALA A 115 -17.25 16.19 -27.82
C ALA A 115 -17.83 15.42 -26.63
N VAL A 116 -17.38 15.75 -25.43
CA VAL A 116 -17.87 15.12 -24.21
C VAL A 116 -19.37 15.38 -24.08
N ALA A 117 -19.77 16.63 -24.19
CA ALA A 117 -21.18 17.03 -24.10
C ALA A 117 -22.06 16.21 -25.03
N ARG A 118 -21.64 16.04 -26.28
CA ARG A 118 -22.43 15.27 -27.23
C ARG A 118 -22.53 13.80 -26.79
N ALA A 119 -21.46 13.26 -26.24
CA ALA A 119 -21.46 11.86 -25.79
C ALA A 119 -22.42 11.66 -24.62
N LEU A 120 -22.50 12.65 -23.74
CA LEU A 120 -23.37 12.56 -22.57
C LEU A 120 -24.86 12.54 -22.94
N LYS A 121 -25.20 13.11 -24.10
CA LYS A 121 -26.59 13.15 -24.56
C LYS A 121 -27.03 11.80 -25.13
N ARG A 122 -26.07 11.05 -25.67
CA ARG A 122 -26.34 9.75 -26.27
C ARG A 122 -26.77 8.67 -25.29
N ARG A 123 -26.26 8.73 -24.07
CA ARG A 123 -26.61 7.73 -23.05
C ARG A 123 -26.48 8.30 -21.64
N ARG A 124 -27.12 7.63 -20.69
CA ARG A 124 -27.06 8.07 -19.30
C ARG A 124 -25.85 7.39 -18.66
N TYR A 125 -25.03 8.18 -17.98
CA TYR A 125 -23.85 7.65 -17.34
C TYR A 125 -23.91 7.85 -15.83
N ARG A 126 -23.45 6.84 -15.11
CA ARG A 126 -23.40 6.90 -13.65
C ARG A 126 -22.19 7.73 -13.28
N MET A 127 -21.16 7.65 -14.10
CA MET A 127 -19.90 8.35 -13.85
C MET A 127 -19.14 8.66 -15.13
N VAL A 128 -18.41 9.78 -15.11
CA VAL A 128 -17.58 10.21 -16.22
C VAL A 128 -16.18 10.34 -15.62
N ALA A 129 -15.20 9.66 -16.21
CA ALA A 129 -13.83 9.68 -15.70
C ALA A 129 -12.83 10.43 -16.57
N LEU A 130 -12.03 11.29 -15.93
CA LEU A 130 -11.03 12.09 -16.61
C LEU A 130 -9.72 12.13 -15.81
N VAL A 131 -8.61 12.36 -16.51
CA VAL A 131 -7.30 12.50 -15.88
C VAL A 131 -6.96 13.98 -16.05
N HIS A 132 -6.88 14.70 -14.92
CA HIS A 132 -6.60 16.14 -14.92
C HIS A 132 -5.43 16.50 -15.82
N GLY A 133 -4.26 15.92 -15.51
CA GLY A 133 -3.07 16.15 -16.29
C GLY A 133 -2.54 14.81 -16.75
N GLU A 134 -2.56 14.56 -18.06
CA GLU A 134 -2.10 13.27 -18.59
C GLU A 134 -0.57 13.23 -18.71
N THR A 135 0.03 12.60 -17.71
CA THR A 135 1.47 12.46 -17.58
C THR A 135 2.19 11.83 -18.76
N SER A 136 1.52 10.91 -19.45
CA SER A 136 2.15 10.24 -20.59
C SER A 136 2.30 11.12 -21.83
N THR A 137 1.53 12.21 -21.89
CA THR A 137 1.57 13.10 -23.04
C THR A 137 1.90 14.56 -22.73
N GLY A 138 1.87 14.94 -21.45
CA GLY A 138 2.15 16.31 -21.07
C GLY A 138 0.97 17.22 -21.39
N VAL A 139 -0.23 16.67 -21.35
CA VAL A 139 -1.43 17.43 -21.66
C VAL A 139 -2.33 17.70 -20.46
N LEU A 140 -2.76 18.96 -20.33
CA LEU A 140 -3.64 19.37 -19.25
C LEU A 140 -5.08 19.37 -19.78
N ASN A 141 -5.95 18.56 -19.19
CA ASN A 141 -7.34 18.49 -19.63
C ASN A 141 -8.21 19.53 -18.92
N PRO A 142 -9.29 19.99 -19.59
CA PRO A 142 -10.19 21.00 -19.01
C PRO A 142 -11.20 20.41 -18.02
N ALA A 143 -10.73 20.08 -16.82
CA ALA A 143 -11.57 19.47 -15.80
C ALA A 143 -12.78 20.30 -15.32
N GLU A 144 -12.61 21.60 -15.12
CA GLU A 144 -13.72 22.42 -14.65
C GLU A 144 -14.89 22.39 -15.62
N ALA A 145 -14.59 22.50 -16.91
CA ALA A 145 -15.63 22.48 -17.93
C ALA A 145 -16.27 21.10 -17.99
N ILE A 146 -15.43 20.06 -17.92
CA ILE A 146 -15.91 18.68 -17.96
C ILE A 146 -16.79 18.42 -16.75
N GLY A 147 -16.36 18.90 -15.59
CA GLY A 147 -17.15 18.70 -14.39
C GLY A 147 -18.53 19.32 -14.48
N ALA A 148 -18.61 20.50 -15.09
CA ALA A 148 -19.89 21.18 -15.24
C ALA A 148 -20.82 20.35 -16.12
N LEU A 149 -20.26 19.69 -17.13
CA LEU A 149 -21.06 18.87 -18.04
C LEU A 149 -21.55 17.62 -17.34
N ALA A 150 -20.67 17.01 -16.55
CA ALA A 150 -21.02 15.81 -15.81
C ALA A 150 -22.21 16.11 -14.90
N LYS A 151 -22.12 17.21 -14.16
CA LYS A 151 -23.19 17.59 -13.24
C LYS A 151 -24.51 17.79 -13.97
N GLU A 152 -24.43 18.33 -15.19
CA GLU A 152 -25.63 18.55 -15.98
C GLU A 152 -26.27 17.23 -16.40
N ALA A 153 -25.44 16.26 -16.74
CA ALA A 153 -25.96 14.96 -17.14
C ALA A 153 -26.28 14.09 -15.93
N GLY A 154 -26.08 14.64 -14.74
CA GLY A 154 -26.36 13.91 -13.51
C GLY A 154 -25.39 12.77 -13.22
N ALA A 155 -24.17 12.87 -13.74
CA ALA A 155 -23.18 11.81 -13.53
C ALA A 155 -22.09 12.20 -12.53
N LEU A 156 -21.56 11.21 -11.81
CA LEU A 156 -20.50 11.49 -10.84
C LEU A 156 -19.26 11.81 -11.64
N PHE A 157 -18.43 12.68 -11.10
CA PHE A 157 -17.21 13.09 -11.79
C PHE A 157 -15.98 12.54 -11.06
N PHE A 158 -15.28 11.63 -11.75
CA PHE A 158 -14.07 10.97 -11.27
C PHE A 158 -12.87 11.71 -11.87
N LEU A 159 -11.96 12.20 -11.04
CA LEU A 159 -10.81 12.95 -11.57
C LEU A 159 -9.43 12.60 -10.98
N ASP A 160 -8.56 12.09 -11.85
CA ASP A 160 -7.18 11.74 -11.49
C ASP A 160 -6.39 13.05 -11.37
N ALA A 161 -6.03 13.44 -10.15
CA ALA A 161 -5.30 14.70 -9.93
C ALA A 161 -3.83 14.56 -9.58
N VAL A 162 -3.24 13.43 -9.97
CA VAL A 162 -1.84 13.14 -9.70
C VAL A 162 -0.84 14.24 -10.11
N THR A 163 -1.00 14.80 -11.30
CA THR A 163 -0.07 15.83 -11.75
C THR A 163 -0.53 17.26 -11.45
N THR A 164 -1.59 17.41 -10.66
CA THR A 164 -2.08 18.76 -10.36
C THR A 164 -2.28 19.07 -8.89
N LEU A 165 -2.83 18.14 -8.12
CA LEU A 165 -3.05 18.39 -6.70
C LEU A 165 -1.73 18.76 -6.02
N GLY A 166 -1.67 19.94 -5.45
CA GLY A 166 -0.46 20.39 -4.78
C GLY A 166 0.46 21.25 -5.62
N MET A 167 0.10 21.50 -6.88
CA MET A 167 0.95 22.30 -7.76
C MET A 167 0.17 23.28 -8.63
N LEU A 168 -1.05 22.90 -9.02
CA LEU A 168 -1.90 23.76 -9.86
C LEU A 168 -3.25 24.02 -9.21
N PRO A 169 -3.99 25.03 -9.71
CA PRO A 169 -5.31 25.35 -9.14
C PRO A 169 -6.22 24.13 -9.12
N PHE A 170 -6.72 23.75 -7.95
CA PHE A 170 -7.59 22.59 -7.82
C PHE A 170 -8.70 22.79 -6.78
N SER A 171 -9.90 22.35 -7.13
CA SER A 171 -11.05 22.46 -6.23
C SER A 171 -12.19 21.56 -6.68
N MET A 172 -12.52 20.56 -5.87
CA MET A 172 -13.61 19.64 -6.20
C MET A 172 -14.93 20.36 -6.27
N ARG A 173 -15.17 21.25 -5.32
CA ARG A 173 -16.41 22.00 -5.27
C ARG A 173 -16.55 22.82 -6.54
N ALA A 174 -15.48 23.52 -6.90
CA ALA A 174 -15.48 24.37 -8.09
C ALA A 174 -15.49 23.60 -9.41
N MET A 175 -14.92 22.41 -9.41
CA MET A 175 -14.87 21.62 -10.64
C MET A 175 -15.93 20.51 -10.65
N GLY A 176 -16.80 20.52 -9.65
CA GLY A 176 -17.86 19.52 -9.58
C GLY A 176 -17.34 18.08 -9.57
N VAL A 177 -16.24 17.87 -8.86
CA VAL A 177 -15.62 16.54 -8.77
C VAL A 177 -16.20 15.72 -7.62
N ASP A 178 -16.49 14.46 -7.89
CA ASP A 178 -17.03 13.56 -6.87
C ASP A 178 -15.97 12.61 -6.33
N TYR A 179 -14.90 12.41 -7.09
CA TYR A 179 -13.81 11.55 -6.64
C TYR A 179 -12.49 12.04 -7.21
N ALA A 180 -11.55 12.35 -6.32
CA ALA A 180 -10.23 12.81 -6.71
C ALA A 180 -9.19 12.01 -5.95
N PHE A 181 -7.98 11.95 -6.49
CA PHE A 181 -6.92 11.21 -5.84
C PHE A 181 -5.57 11.57 -6.44
N THR A 182 -4.52 11.24 -5.71
CA THR A 182 -3.16 11.47 -6.17
C THR A 182 -2.28 10.49 -5.43
N GLY A 183 -0.97 10.63 -5.61
CA GLY A 183 -0.03 9.76 -4.93
C GLY A 183 0.79 10.66 -4.01
N SER A 184 1.31 10.11 -2.93
CA SER A 184 2.09 10.90 -2.00
C SER A 184 3.40 11.40 -2.62
N GLN A 185 3.87 10.70 -3.66
CA GLN A 185 5.14 11.04 -4.29
C GLN A 185 5.06 12.00 -5.50
N LYS A 186 3.89 12.55 -5.78
CA LYS A 186 3.74 13.45 -6.92
C LYS A 186 4.10 14.91 -6.60
N CYS A 187 3.13 15.80 -6.74
CA CYS A 187 3.34 17.22 -6.46
C CYS A 187 3.53 17.50 -4.98
N LEU A 188 3.17 16.54 -4.12
CA LEU A 188 3.30 16.72 -2.69
C LEU A 188 4.75 16.54 -2.20
N SER A 189 5.59 15.95 -3.04
CA SER A 189 7.00 15.73 -2.70
C SER A 189 7.19 14.91 -1.43
N ALA A 190 6.32 13.92 -1.22
CA ALA A 190 6.42 13.07 -0.05
C ALA A 190 6.89 11.68 -0.49
N PRO A 191 7.40 10.87 0.44
CA PRO A 191 7.83 9.54 -0.04
C PRO A 191 6.62 8.75 -0.52
N PRO A 192 6.80 7.92 -1.57
CA PRO A 192 5.71 7.10 -2.10
C PRO A 192 5.25 6.02 -1.13
N GLY A 193 3.99 5.61 -1.26
CA GLY A 193 3.47 4.58 -0.39
C GLY A 193 2.08 4.89 0.12
N LEU A 194 1.64 6.13 -0.12
CA LEU A 194 0.31 6.57 0.29
C LEU A 194 -0.45 7.16 -0.90
N ALA A 195 -1.77 7.14 -0.83
CA ALA A 195 -2.59 7.67 -1.92
C ALA A 195 -3.73 8.54 -1.38
N PRO A 196 -3.49 9.85 -1.27
CA PRO A 196 -4.55 10.73 -0.76
C PRO A 196 -5.77 10.64 -1.67
N ILE A 197 -6.95 10.49 -1.08
CA ILE A 197 -8.17 10.41 -1.87
C ILE A 197 -9.24 11.31 -1.27
N ALA A 198 -10.26 11.60 -2.05
CA ALA A 198 -11.37 12.43 -1.59
C ALA A 198 -12.62 12.01 -2.33
N ALA A 199 -13.63 11.60 -1.59
CA ALA A 199 -14.89 11.15 -2.17
C ALA A 199 -16.02 12.02 -1.62
N SER A 200 -16.66 12.76 -2.51
CA SER A 200 -17.77 13.63 -2.13
C SER A 200 -18.91 12.83 -1.55
N LEU A 201 -19.89 13.54 -0.99
CA LEU A 201 -21.05 12.93 -0.39
C LEU A 201 -21.83 12.11 -1.40
N GLU A 202 -22.02 12.64 -2.60
CA GLU A 202 -22.73 11.91 -3.63
C GLU A 202 -21.96 10.70 -4.11
N ALA A 203 -20.63 10.77 -4.10
CA ALA A 203 -19.82 9.62 -4.51
C ALA A 203 -20.05 8.49 -3.51
N ARG A 204 -19.99 8.82 -2.22
CA ARG A 204 -20.18 7.85 -1.15
C ARG A 204 -21.52 7.13 -1.19
N LYS A 205 -22.59 7.85 -1.55
CA LYS A 205 -23.92 7.26 -1.64
C LYS A 205 -23.95 6.21 -2.76
N ALA A 206 -23.22 6.48 -3.84
CA ALA A 206 -23.14 5.57 -4.98
C ALA A 206 -22.10 4.47 -4.77
N PHE A 207 -21.20 4.68 -3.81
CA PHE A 207 -20.13 3.71 -3.52
C PHE A 207 -20.59 2.52 -2.67
N THR A 208 -21.59 1.79 -3.14
CA THR A 208 -22.07 0.63 -2.38
C THR A 208 -21.57 -0.67 -2.99
N GLY A 209 -20.66 -0.56 -3.95
CA GLY A 209 -20.10 -1.74 -4.57
C GLY A 209 -19.20 -2.43 -3.56
N LYS A 210 -19.17 -3.75 -3.61
CA LYS A 210 -18.35 -4.55 -2.71
C LYS A 210 -17.58 -5.55 -3.57
N ARG A 211 -16.47 -5.12 -4.15
CA ARG A 211 -15.68 -5.98 -5.02
C ARG A 211 -14.27 -6.23 -4.50
N GLY A 212 -13.85 -5.42 -3.52
CA GLY A 212 -12.54 -5.57 -2.93
C GLY A 212 -12.60 -5.27 -1.45
N TRP A 213 -11.78 -5.96 -0.67
CA TRP A 213 -11.74 -5.77 0.77
C TRP A 213 -10.79 -4.62 1.13
N TYR A 214 -9.53 -4.76 0.74
CA TYR A 214 -8.50 -3.76 1.04
C TYR A 214 -8.87 -2.35 0.59
N LEU A 215 -9.50 -2.21 -0.58
CA LEU A 215 -9.87 -0.91 -1.09
C LEU A 215 -11.31 -0.47 -0.84
N ASP A 216 -11.99 -1.15 0.07
CA ASP A 216 -13.38 -0.82 0.40
C ASP A 216 -13.40 0.50 1.16
N LEU A 217 -13.90 1.55 0.51
CA LEU A 217 -13.93 2.85 1.14
C LEU A 217 -14.79 2.96 2.40
N ALA A 218 -15.66 1.98 2.60
CA ALA A 218 -16.48 1.96 3.81
C ALA A 218 -15.56 1.52 4.95
N ARG A 219 -14.74 0.50 4.70
CA ARG A 219 -13.80 0.02 5.70
C ARG A 219 -12.79 1.12 6.00
N VAL A 220 -12.34 1.80 4.94
CA VAL A 220 -11.37 2.88 5.09
C VAL A 220 -11.94 3.99 5.95
N ALA A 221 -13.22 4.30 5.76
CA ALA A 221 -13.86 5.37 6.54
C ALA A 221 -13.89 5.04 8.03
N GLU A 222 -14.07 3.76 8.35
CA GLU A 222 -14.12 3.33 9.75
C GLU A 222 -12.85 3.71 10.49
N HIS A 223 -11.71 3.65 9.80
CA HIS A 223 -10.45 4.01 10.43
C HIS A 223 -10.16 5.51 10.36
N TRP A 224 -10.33 6.11 9.19
CA TRP A 224 -10.04 7.53 9.04
C TRP A 224 -11.05 8.47 9.67
N GLU A 225 -12.30 8.05 9.78
CA GLU A 225 -13.30 8.91 10.40
C GLU A 225 -13.52 8.52 11.85
N ARG A 226 -13.80 7.24 12.10
CA ARG A 226 -14.09 6.78 13.46
C ARG A 226 -12.93 6.20 14.25
N GLY A 227 -11.74 6.16 13.67
CA GLY A 227 -10.58 5.62 14.35
C GLY A 227 -10.60 4.14 14.62
N GLY A 228 -11.50 3.41 13.96
CA GLY A 228 -11.58 1.97 14.15
C GLY A 228 -10.48 1.24 13.40
N TYR A 229 -10.39 -0.07 13.60
CA TYR A 229 -9.37 -0.86 12.92
C TYR A 229 -9.77 -1.40 11.57
N HIS A 230 -8.99 -1.06 10.54
CA HIS A 230 -9.24 -1.56 9.20
C HIS A 230 -8.06 -2.50 8.95
N HIS A 231 -6.87 -1.90 8.81
CA HIS A 231 -5.63 -2.64 8.61
C HIS A 231 -4.53 -1.71 9.14
N THR A 232 -3.36 -2.27 9.42
CA THR A 232 -2.27 -1.44 9.93
C THR A 232 -1.79 -0.48 8.84
N THR A 233 -1.56 0.76 9.22
CA THR A 233 -1.12 1.79 8.30
C THR A 233 0.39 2.03 8.35
N PRO A 234 0.95 2.61 7.27
CA PRO A 234 2.40 2.89 7.25
C PRO A 234 2.64 4.19 8.02
N VAL A 235 2.50 4.08 9.33
CA VAL A 235 2.65 5.21 10.25
C VAL A 235 3.78 6.17 9.93
N LEU A 236 4.96 5.65 9.61
CA LEU A 236 6.06 6.55 9.30
C LEU A 236 5.75 7.39 8.07
N LEU A 237 5.13 6.79 7.07
CA LEU A 237 4.78 7.52 5.84
C LEU A 237 3.75 8.60 6.20
N HIS A 238 2.86 8.30 7.14
CA HIS A 238 1.86 9.27 7.59
C HIS A 238 2.58 10.51 8.14
N TYR A 239 3.64 10.28 8.92
CA TYR A 239 4.42 11.38 9.49
C TYR A 239 4.94 12.27 8.37
N ALA A 240 5.60 11.65 7.40
CA ALA A 240 6.19 12.36 6.27
C ALA A 240 5.17 13.10 5.41
N LEU A 241 4.01 12.51 5.19
CA LEU A 241 2.99 13.16 4.37
C LEU A 241 2.46 14.42 5.08
N LEU A 242 2.23 14.32 6.39
CA LEU A 242 1.74 15.47 7.15
C LEU A 242 2.75 16.62 7.06
N GLU A 243 4.02 16.29 7.24
CA GLU A 243 5.08 17.29 7.19
C GLU A 243 5.18 17.87 5.77
N ALA A 244 4.96 17.02 4.78
CA ALA A 244 5.02 17.43 3.38
C ALA A 244 3.84 18.35 3.06
N LEU A 245 2.69 18.07 3.65
CA LEU A 245 1.51 18.89 3.43
C LEU A 245 1.67 20.28 4.02
N ASP A 246 2.26 20.35 5.21
CA ASP A 246 2.49 21.64 5.84
C ASP A 246 3.40 22.48 4.94
N LEU A 247 4.43 21.81 4.41
CA LEU A 247 5.40 22.45 3.53
C LEU A 247 4.72 23.03 2.29
N VAL A 248 3.87 22.22 1.65
CA VAL A 248 3.17 22.69 0.47
C VAL A 248 2.31 23.92 0.82
N LEU A 249 1.54 23.81 1.91
CA LEU A 249 0.67 24.90 2.33
C LEU A 249 1.39 26.18 2.75
N GLU A 250 2.61 26.06 3.26
CA GLU A 250 3.36 27.24 3.67
C GLU A 250 3.73 28.01 2.40
N GLU A 251 4.01 27.29 1.32
CA GLU A 251 4.35 27.94 0.06
C GLU A 251 3.11 28.39 -0.67
N GLY A 252 2.09 27.54 -0.69
CA GLY A 252 0.86 27.89 -1.37
C GLY A 252 0.93 27.45 -2.82
N VAL A 253 -0.17 26.89 -3.32
CA VAL A 253 -0.26 26.40 -4.68
C VAL A 253 0.04 27.46 -5.75
N ALA A 254 -0.35 28.71 -5.49
CA ALA A 254 -0.10 29.79 -6.44
C ALA A 254 1.40 29.90 -6.74
N ALA A 255 2.21 29.97 -5.70
CA ALA A 255 3.66 30.09 -5.85
C ALA A 255 4.25 28.84 -6.50
N ARG A 256 3.67 27.69 -6.20
CA ARG A 256 4.15 26.44 -6.76
C ARG A 256 3.84 26.37 -8.25
N GLU A 257 2.69 26.90 -8.67
CA GLU A 257 2.34 26.88 -10.08
C GLU A 257 3.33 27.77 -10.86
N ARG A 258 3.70 28.90 -10.25
CA ARG A 258 4.65 29.82 -10.88
C ARG A 258 6.01 29.15 -11.10
N ARG A 259 6.49 28.41 -10.09
CA ARG A 259 7.76 27.72 -10.20
C ARG A 259 7.75 26.81 -11.43
N ALA A 260 6.71 25.98 -11.54
CA ALA A 260 6.58 25.06 -12.66
C ALA A 260 6.50 25.77 -14.01
N ARG A 261 5.57 26.70 -14.14
CA ARG A 261 5.39 27.43 -15.40
C ARG A 261 6.64 28.16 -15.87
N GLU A 262 7.36 28.79 -14.94
CA GLU A 262 8.56 29.51 -15.30
C GLU A 262 9.63 28.59 -15.86
N VAL A 263 9.94 27.53 -15.13
CA VAL A 263 10.96 26.56 -15.55
C VAL A 263 10.52 25.83 -16.81
N TYR A 264 9.24 25.49 -16.88
CA TYR A 264 8.74 24.81 -18.05
C TYR A 264 9.09 25.64 -19.28
N ALA A 265 8.78 26.93 -19.21
CA ALA A 265 9.01 27.85 -20.32
C ALA A 265 10.44 27.93 -20.83
N TRP A 266 11.42 28.20 -19.96
CA TRP A 266 12.79 28.29 -20.48
C TRP A 266 13.45 26.94 -20.79
N VAL A 267 13.02 25.88 -20.13
CA VAL A 267 13.59 24.58 -20.42
C VAL A 267 13.20 24.16 -21.83
N LEU A 268 11.97 24.47 -22.23
CA LEU A 268 11.51 24.13 -23.57
C LEU A 268 12.29 24.93 -24.60
N GLU A 269 12.61 26.18 -24.29
CA GLU A 269 13.38 27.00 -25.22
C GLU A 269 14.78 26.41 -25.35
N GLU A 270 15.35 25.97 -24.24
CA GLU A 270 16.68 25.36 -24.23
C GLU A 270 16.70 24.06 -25.02
N LEU A 271 15.63 23.29 -24.91
CA LEU A 271 15.52 22.01 -25.62
C LEU A 271 15.22 22.23 -27.10
N LYS A 272 14.46 23.28 -27.41
CA LYS A 272 14.17 23.56 -28.81
C LYS A 272 15.45 24.05 -29.48
N ALA A 273 16.32 24.67 -28.67
CA ALA A 273 17.59 25.16 -29.18
C ALA A 273 18.43 23.95 -29.57
N ARG A 274 18.20 22.82 -28.90
CA ARG A 274 18.93 21.58 -29.16
C ARG A 274 18.19 20.62 -30.11
N GLY A 275 17.19 21.14 -30.82
CA GLY A 275 16.46 20.30 -31.76
C GLY A 275 15.25 19.54 -31.26
N PHE A 276 15.03 19.48 -29.96
CA PHE A 276 13.86 18.77 -29.41
C PHE A 276 12.59 19.50 -29.81
N ARG A 277 11.46 18.79 -29.76
CA ARG A 277 10.16 19.38 -30.09
C ARG A 277 9.12 18.95 -29.04
N PRO A 278 8.27 19.89 -28.60
CA PRO A 278 7.25 19.55 -27.60
C PRO A 278 6.28 18.52 -28.16
N TYR A 279 5.84 17.59 -27.31
CA TYR A 279 4.91 16.56 -27.75
C TYR A 279 3.47 17.08 -27.77
N PRO A 280 3.01 17.71 -26.68
CA PRO A 280 1.63 18.20 -26.72
C PRO A 280 1.39 19.19 -27.86
N LYS A 281 0.30 19.00 -28.59
CA LYS A 281 -0.06 19.87 -29.70
C LYS A 281 -0.77 21.12 -29.16
N ALA A 282 -1.31 21.01 -27.95
CA ALA A 282 -2.02 22.12 -27.33
C ALA A 282 -2.37 21.80 -25.88
N SER A 283 -2.67 22.84 -25.11
CA SER A 283 -3.05 22.69 -23.71
C SER A 283 -1.96 21.94 -22.93
N PRO A 284 -0.71 22.41 -22.99
CA PRO A 284 0.38 21.74 -22.26
C PRO A 284 0.25 21.71 -20.74
N LEU A 285 0.76 20.63 -20.15
CA LEU A 285 0.72 20.44 -18.70
C LEU A 285 1.97 21.06 -18.09
N PRO A 286 1.81 22.15 -17.33
CA PRO A 286 2.94 22.84 -16.69
C PRO A 286 3.82 21.96 -15.80
N THR A 287 3.24 20.92 -15.22
CA THR A 287 3.97 20.05 -14.31
C THR A 287 4.75 18.89 -14.93
N VAL A 288 4.53 18.64 -16.22
CA VAL A 288 5.26 17.57 -16.90
C VAL A 288 5.63 17.99 -18.32
N LEU A 289 6.92 18.19 -18.56
CA LEU A 289 7.37 18.58 -19.90
C LEU A 289 7.73 17.33 -20.68
N VAL A 290 6.92 17.04 -21.70
CA VAL A 290 7.14 15.86 -22.55
C VAL A 290 7.62 16.36 -23.91
N VAL A 291 8.78 15.87 -24.34
CA VAL A 291 9.34 16.30 -25.62
C VAL A 291 9.90 15.16 -26.46
N ARG A 292 9.88 15.37 -27.78
CA ARG A 292 10.42 14.40 -28.72
C ARG A 292 11.86 14.82 -28.94
N PRO A 293 12.81 13.86 -28.91
CA PRO A 293 14.21 14.20 -29.10
C PRO A 293 14.49 14.67 -30.53
N PRO A 294 15.71 15.15 -30.80
CA PRO A 294 16.07 15.62 -32.14
C PRO A 294 15.98 14.44 -33.12
N GLU A 295 15.82 14.72 -34.40
CA GLU A 295 15.73 13.67 -35.39
C GLU A 295 16.98 12.79 -35.32
N GLY A 296 16.79 11.47 -35.41
CA GLY A 296 17.93 10.57 -35.36
C GLY A 296 18.45 10.23 -33.97
N VAL A 297 17.86 10.80 -32.93
CA VAL A 297 18.26 10.52 -31.55
C VAL A 297 17.23 9.62 -30.87
N ASP A 298 17.66 8.45 -30.43
CA ASP A 298 16.74 7.52 -29.77
C ASP A 298 16.43 7.95 -28.34
N ALA A 299 15.16 8.22 -28.08
CA ALA A 299 14.72 8.65 -26.76
C ALA A 299 15.13 7.74 -25.62
N ASP A 300 14.81 6.45 -25.70
CA ASP A 300 15.17 5.55 -24.60
C ASP A 300 16.67 5.51 -24.37
N ARG A 301 17.46 5.48 -25.43
CA ARG A 301 18.91 5.46 -25.31
C ARG A 301 19.38 6.74 -24.62
N LEU A 302 18.71 7.85 -24.92
CA LEU A 302 19.06 9.13 -24.30
C LEU A 302 18.75 9.11 -22.81
N VAL A 303 17.69 8.37 -22.43
CA VAL A 303 17.35 8.27 -21.01
C VAL A 303 18.46 7.52 -20.30
N ARG A 304 18.93 6.42 -20.89
CA ARG A 304 19.99 5.63 -20.29
C ARG A 304 21.25 6.48 -20.19
N ALA A 305 21.52 7.26 -21.23
CA ALA A 305 22.69 8.13 -21.23
C ALA A 305 22.60 9.19 -20.12
N LEU A 306 21.41 9.76 -19.94
CA LEU A 306 21.22 10.77 -18.90
C LEU A 306 21.46 10.17 -17.50
N TYR A 307 21.03 8.92 -17.32
CA TYR A 307 21.19 8.23 -16.05
C TYR A 307 22.67 8.10 -15.73
N ALA A 308 23.44 7.66 -16.73
CA ALA A 308 24.89 7.51 -16.57
C ALA A 308 25.52 8.87 -16.27
N GLU A 309 24.87 9.94 -16.70
CA GLU A 309 25.38 11.29 -16.44
C GLU A 309 24.93 11.85 -15.10
N GLY A 310 24.24 11.03 -14.31
CA GLY A 310 23.79 11.46 -13.00
C GLY A 310 22.39 12.05 -12.90
N VAL A 311 21.60 11.98 -13.97
CA VAL A 311 20.25 12.53 -13.93
C VAL A 311 19.20 11.53 -14.41
N ALA A 312 18.17 11.32 -13.60
CA ALA A 312 17.13 10.39 -13.96
C ALA A 312 15.87 11.09 -14.46
N VAL A 313 15.46 10.77 -15.68
CA VAL A 313 14.24 11.32 -16.26
C VAL A 313 13.48 10.08 -16.72
N ALA A 314 12.28 10.26 -17.25
CA ALA A 314 11.52 9.12 -17.70
C ALA A 314 11.39 9.10 -19.21
N GLY A 315 11.21 7.90 -19.75
CA GLY A 315 11.02 7.75 -21.18
C GLY A 315 9.52 7.81 -21.34
N GLY A 316 9.02 7.54 -22.53
CA GLY A 316 7.59 7.57 -22.74
C GLY A 316 6.90 6.38 -22.07
N ILE A 317 5.58 6.39 -22.09
CA ILE A 317 4.80 5.31 -21.51
C ILE A 317 3.47 5.19 -22.25
N GLY A 318 2.94 3.97 -22.37
CA GLY A 318 1.69 3.79 -23.08
C GLY A 318 1.86 4.25 -24.52
N PRO A 319 1.04 5.21 -24.99
CA PRO A 319 1.13 5.69 -26.36
C PRO A 319 2.46 6.34 -26.76
N THR A 320 3.20 6.88 -25.80
CA THR A 320 4.48 7.54 -26.11
C THR A 320 5.73 6.73 -25.78
N ARG A 321 5.57 5.45 -25.46
CA ARG A 321 6.73 4.61 -25.13
C ARG A 321 7.77 4.67 -26.24
N GLY A 322 9.02 4.91 -25.86
CA GLY A 322 10.11 5.00 -26.81
C GLY A 322 10.14 6.22 -27.71
N GLN A 323 9.16 7.10 -27.57
CA GLN A 323 9.09 8.28 -28.42
C GLN A 323 9.47 9.60 -27.75
N VAL A 324 9.52 9.61 -26.42
CA VAL A 324 9.82 10.86 -25.73
C VAL A 324 10.68 10.81 -24.47
N LEU A 325 10.85 12.00 -23.91
CA LEU A 325 11.57 12.23 -22.67
C LEU A 325 10.48 12.93 -21.85
N ARG A 326 10.19 12.42 -20.67
CA ARG A 326 9.17 13.04 -19.83
C ARG A 326 9.91 13.59 -18.62
N LEU A 327 9.83 14.92 -18.48
CA LEU A 327 10.53 15.62 -17.40
C LEU A 327 9.59 16.12 -16.32
N GLY A 328 9.90 15.73 -15.08
CA GLY A 328 9.10 16.12 -13.95
C GLY A 328 9.29 17.55 -13.47
N LEU A 329 8.19 18.24 -13.32
CA LEU A 329 8.22 19.62 -12.83
C LEU A 329 7.17 19.67 -11.73
N MET A 330 7.14 18.58 -10.96
CA MET A 330 6.22 18.42 -9.84
C MET A 330 7.04 18.57 -8.57
N GLY A 331 6.53 19.36 -7.62
CA GLY A 331 7.23 19.55 -6.37
C GLY A 331 8.64 20.07 -6.54
N GLU A 332 9.61 19.35 -5.99
CA GLU A 332 11.01 19.76 -6.07
C GLU A 332 11.62 19.62 -7.46
N GLY A 333 10.87 19.00 -8.38
CA GLY A 333 11.38 18.86 -9.73
C GLY A 333 11.41 20.24 -10.36
N ALA A 334 10.42 21.07 -10.04
CA ALA A 334 10.30 22.42 -10.57
C ALA A 334 11.24 23.40 -9.90
N ARG A 335 12.54 23.25 -10.19
CA ARG A 335 13.57 24.12 -9.63
C ARG A 335 14.56 24.52 -10.71
N ARG A 336 14.89 25.81 -10.77
CA ARG A 336 15.85 26.31 -11.75
C ARG A 336 17.15 25.52 -11.70
N GLU A 337 17.73 25.41 -10.50
CA GLU A 337 18.98 24.70 -10.31
C GLU A 337 18.94 23.25 -10.82
N ALA A 338 17.83 22.56 -10.55
CA ALA A 338 17.71 21.17 -10.98
C ALA A 338 17.80 21.06 -12.50
N TYR A 339 17.08 21.94 -13.21
CA TYR A 339 17.11 21.88 -14.65
C TYR A 339 18.36 22.42 -15.33
N GLN A 340 19.13 23.24 -14.61
CA GLN A 340 20.37 23.74 -15.19
C GLN A 340 21.32 22.54 -15.16
N ALA A 341 21.23 21.75 -14.10
CA ALA A 341 22.08 20.57 -13.97
C ALA A 341 21.67 19.56 -15.05
N PHE A 342 20.37 19.44 -15.28
CA PHE A 342 19.82 18.53 -16.30
C PHE A 342 20.39 18.84 -17.69
N LEU A 343 20.43 20.12 -18.02
CA LEU A 343 20.95 20.57 -19.33
C LEU A 343 22.43 20.26 -19.49
N LYS A 344 23.19 20.32 -18.40
CA LYS A 344 24.61 20.02 -18.46
C LYS A 344 24.76 18.53 -18.76
N ALA A 345 23.96 17.72 -18.08
CA ALA A 345 23.99 16.27 -18.29
C ALA A 345 23.53 15.92 -19.70
N LEU A 346 22.48 16.60 -20.16
CA LEU A 346 21.95 16.35 -21.48
C LEU A 346 23.02 16.55 -22.55
N ASP A 347 23.75 17.66 -22.45
CA ASP A 347 24.80 17.94 -23.43
C ASP A 347 25.86 16.84 -23.42
N ARG A 348 26.23 16.37 -22.24
CA ARG A 348 27.21 15.29 -22.15
C ARG A 348 26.64 14.06 -22.85
N ALA A 349 25.36 13.79 -22.60
CA ALA A 349 24.66 12.66 -23.19
C ALA A 349 24.53 12.77 -24.70
N LEU A 350 24.30 13.98 -25.21
CA LEU A 350 24.15 14.18 -26.65
C LEU A 350 25.47 14.07 -27.39
N ALA A 351 26.57 14.40 -26.72
CA ALA A 351 27.88 14.37 -27.34
C ALA A 351 28.33 12.94 -27.71
N LEU A 352 27.76 11.94 -27.04
CA LEU A 352 28.11 10.55 -27.32
C LEU A 352 27.36 10.00 -28.53
N MET B 1 6.94 6.41 23.96
CA MET B 1 5.95 5.34 24.07
C MET B 1 6.53 4.00 23.64
N LEU B 2 6.73 3.09 24.59
CA LEU B 2 7.27 1.77 24.31
C LEU B 2 6.20 1.01 23.51
N LEU B 3 6.56 0.54 22.32
CA LEU B 3 5.62 -0.15 21.46
C LEU B 3 5.63 -1.68 21.61
N LEU B 4 4.71 -2.18 22.43
CA LEU B 4 4.62 -3.61 22.67
C LEU B 4 3.32 -4.21 22.15
N THR B 5 2.76 -3.58 21.11
CA THR B 5 1.55 -4.10 20.48
C THR B 5 2.03 -5.29 19.69
N PRO B 6 1.16 -6.29 19.46
CA PRO B 6 1.60 -7.45 18.68
C PRO B 6 1.53 -7.08 17.20
N GLY B 7 2.22 -6.00 16.84
CA GLY B 7 2.21 -5.51 15.49
C GLY B 7 1.47 -4.18 15.45
N PRO B 8 2.12 -3.08 15.03
CA PRO B 8 3.52 -3.00 14.59
C PRO B 8 4.49 -3.31 15.73
N THR B 9 5.78 -3.23 15.44
CA THR B 9 6.78 -3.55 16.45
C THR B 9 7.89 -2.49 16.46
N PRO B 10 8.74 -2.49 17.50
CA PRO B 10 9.83 -1.51 17.56
C PRO B 10 10.73 -1.71 16.34
N ILE B 11 11.29 -0.62 15.83
CA ILE B 11 12.15 -0.69 14.66
C ILE B 11 13.61 -0.44 14.98
N PRO B 12 14.50 -1.36 14.58
CA PRO B 12 15.93 -1.19 14.84
C PRO B 12 16.41 0.09 14.19
N GLU B 13 17.38 0.75 14.82
CA GLU B 13 17.91 2.00 14.30
C GLU B 13 18.45 1.84 12.88
N ARG B 14 19.26 0.80 12.69
CA ARG B 14 19.86 0.50 11.40
C ARG B 14 18.79 0.42 10.31
N VAL B 15 17.63 -0.11 10.68
CA VAL B 15 16.51 -0.26 9.77
C VAL B 15 15.82 1.07 9.46
N GLN B 16 15.41 1.79 10.49
CA GLN B 16 14.73 3.06 10.29
C GLN B 16 15.62 4.08 9.57
N LYS B 17 16.91 4.09 9.90
CA LYS B 17 17.88 5.00 9.30
C LYS B 17 18.03 4.79 7.79
N ALA B 18 17.75 3.58 7.32
CA ALA B 18 17.86 3.30 5.89
C ALA B 18 16.83 4.13 5.11
N LEU B 19 15.80 4.61 5.81
CA LEU B 19 14.77 5.43 5.18
C LEU B 19 15.36 6.77 4.75
N LEU B 20 16.55 7.08 5.24
CA LEU B 20 17.20 8.33 4.92
C LEU B 20 18.05 8.30 3.65
N ARG B 21 18.14 7.14 3.01
CA ARG B 21 18.95 7.05 1.80
C ARG B 21 18.32 7.85 0.66
N PRO B 22 19.15 8.29 -0.30
CA PRO B 22 18.66 9.07 -1.44
C PRO B 22 17.50 8.40 -2.19
N MET B 23 16.39 9.12 -2.31
CA MET B 23 15.23 8.63 -3.03
C MET B 23 15.60 8.39 -4.49
N ARG B 24 15.04 7.33 -5.08
CA ARG B 24 15.28 6.99 -6.49
C ARG B 24 13.99 6.56 -7.17
N GLY B 25 14.02 6.46 -8.49
CA GLY B 25 12.84 6.05 -9.23
C GLY B 25 12.59 4.57 -8.99
N HIS B 26 11.32 4.16 -9.03
CA HIS B 26 10.96 2.77 -8.80
C HIS B 26 11.54 1.84 -9.87
N LEU B 27 11.96 2.43 -11.00
CA LEU B 27 12.55 1.64 -12.07
C LEU B 27 14.06 1.85 -12.16
N ASP B 28 14.60 2.63 -11.22
CA ASP B 28 16.04 2.88 -11.19
C ASP B 28 16.73 1.53 -11.03
N PRO B 29 17.76 1.25 -11.84
CA PRO B 29 18.50 -0.01 -11.78
C PRO B 29 18.96 -0.36 -10.36
N GLU B 30 19.27 0.67 -9.57
CA GLU B 30 19.71 0.46 -8.19
C GLU B 30 18.57 -0.08 -7.34
N VAL B 31 17.37 0.40 -7.61
CA VAL B 31 16.19 -0.03 -6.89
C VAL B 31 15.80 -1.45 -7.30
N LEU B 32 15.91 -1.75 -8.59
CA LEU B 32 15.58 -3.09 -9.08
C LEU B 32 16.57 -4.10 -8.50
N ARG B 33 17.79 -3.65 -8.23
CA ARG B 33 18.81 -4.53 -7.64
C ARG B 33 18.41 -4.78 -6.18
N VAL B 34 17.89 -3.75 -5.54
CA VAL B 34 17.44 -3.86 -4.16
C VAL B 34 16.26 -4.82 -4.10
N ASN B 35 15.40 -4.75 -5.12
CA ASN B 35 14.24 -5.63 -5.16
C ASN B 35 14.63 -7.09 -5.31
N ARG B 36 15.62 -7.35 -6.15
CA ARG B 36 16.08 -8.73 -6.34
C ARG B 36 16.72 -9.19 -5.03
N ALA B 37 17.35 -8.25 -4.33
CA ALA B 37 17.98 -8.57 -3.05
C ALA B 37 16.85 -8.95 -2.08
N ILE B 38 15.78 -8.17 -2.11
CA ILE B 38 14.64 -8.46 -1.24
C ILE B 38 14.10 -9.86 -1.52
N GLN B 39 13.98 -10.23 -2.80
CA GLN B 39 13.48 -11.55 -3.18
C GLN B 39 14.37 -12.67 -2.68
N GLU B 40 15.69 -12.46 -2.77
CA GLU B 40 16.65 -13.45 -2.31
C GLU B 40 16.43 -13.73 -0.82
N ARG B 41 16.40 -12.68 -0.02
CA ARG B 41 16.19 -12.83 1.42
C ARG B 41 14.84 -13.47 1.77
N LEU B 42 13.78 -13.00 1.14
CA LEU B 42 12.46 -13.56 1.41
C LEU B 42 12.37 -15.03 1.00
N ALA B 43 13.08 -15.41 -0.05
CA ALA B 43 13.08 -16.80 -0.50
C ALA B 43 13.80 -17.66 0.55
N ALA B 44 14.75 -17.05 1.26
CA ALA B 44 15.49 -17.76 2.29
C ALA B 44 14.60 -18.04 3.50
N LEU B 45 13.68 -17.12 3.77
CA LEU B 45 12.76 -17.27 4.89
C LEU B 45 11.54 -18.10 4.48
N PHE B 46 11.03 -17.84 3.28
CA PHE B 46 9.86 -18.55 2.77
C PHE B 46 10.15 -19.97 2.27
N ASP B 47 11.29 -20.16 1.61
CA ASP B 47 11.66 -21.46 1.03
C ASP B 47 10.45 -21.93 0.23
N PRO B 48 10.08 -21.15 -0.81
CA PRO B 48 8.95 -21.36 -1.73
C PRO B 48 9.03 -22.36 -2.88
N GLY B 49 10.21 -22.92 -3.14
CA GLY B 49 10.31 -23.86 -4.23
C GLY B 49 10.56 -23.15 -5.56
N GLU B 50 11.09 -23.89 -6.52
CA GLU B 50 11.40 -23.33 -7.84
C GLU B 50 10.17 -22.80 -8.58
N GLY B 51 10.37 -21.73 -9.36
CA GLY B 51 9.30 -21.13 -10.14
C GLY B 51 8.33 -20.28 -9.35
N ALA B 52 8.51 -20.21 -8.04
CA ALA B 52 7.63 -19.43 -7.17
C ALA B 52 7.74 -17.93 -7.40
N LEU B 53 6.66 -17.21 -7.11
CA LEU B 53 6.67 -15.76 -7.25
C LEU B 53 6.96 -15.18 -5.86
N VAL B 54 7.99 -14.35 -5.77
CA VAL B 54 8.38 -13.72 -4.51
C VAL B 54 8.38 -12.21 -4.71
N ALA B 55 7.75 -11.49 -3.80
CA ALA B 55 7.68 -10.03 -3.90
C ALA B 55 7.19 -9.40 -2.61
N ALA B 56 7.17 -8.07 -2.60
CA ALA B 56 6.71 -7.30 -1.45
C ALA B 56 5.68 -6.30 -1.95
N LEU B 57 4.41 -6.64 -1.76
CA LEU B 57 3.31 -5.79 -2.22
C LEU B 57 3.31 -4.48 -1.47
N ALA B 58 2.94 -3.40 -2.17
CA ALA B 58 2.86 -2.07 -1.56
C ALA B 58 1.56 -1.98 -0.78
N GLY B 59 1.59 -2.43 0.46
CA GLY B 59 0.40 -2.40 1.30
C GLY B 59 0.61 -3.18 2.59
N SER B 60 -0.41 -3.25 3.43
CA SER B 60 -0.30 -3.96 4.70
C SER B 60 -0.50 -5.46 4.56
N GLY B 61 -0.37 -6.17 5.67
CA GLY B 61 -0.52 -7.61 5.65
C GLY B 61 -1.82 -8.05 5.01
N SER B 62 -2.87 -7.27 5.22
CA SER B 62 -4.18 -7.57 4.67
C SER B 62 -4.15 -7.61 3.15
N LEU B 63 -3.33 -6.77 2.53
CA LEU B 63 -3.22 -6.77 1.09
C LEU B 63 -2.66 -8.13 0.65
N GLY B 64 -1.65 -8.60 1.37
CA GLY B 64 -1.05 -9.88 1.05
C GLY B 64 -2.07 -11.00 1.21
N MET B 65 -2.93 -10.87 2.22
CA MET B 65 -3.96 -11.87 2.47
C MET B 65 -4.93 -11.95 1.31
N GLU B 66 -5.48 -10.79 0.93
CA GLU B 66 -6.44 -10.75 -0.16
C GLU B 66 -5.82 -11.12 -1.51
N ALA B 67 -4.53 -10.84 -1.70
CA ALA B 67 -3.87 -11.16 -2.96
C ALA B 67 -3.87 -12.65 -3.27
N GLY B 68 -3.79 -13.47 -2.23
CA GLY B 68 -3.77 -14.91 -2.42
C GLY B 68 -5.16 -15.50 -2.62
N LEU B 69 -6.19 -14.67 -2.49
CA LEU B 69 -7.56 -15.13 -2.65
C LEU B 69 -8.23 -14.57 -3.91
N ALA B 70 -8.11 -13.25 -4.10
CA ALA B 70 -8.72 -12.58 -5.24
C ALA B 70 -8.20 -13.06 -6.60
N ASN B 71 -6.99 -13.61 -6.60
CA ASN B 71 -6.36 -14.13 -7.82
C ASN B 71 -6.71 -15.60 -8.07
N LEU B 72 -7.40 -16.24 -7.13
CA LEU B 72 -7.73 -17.66 -7.28
C LEU B 72 -8.83 -17.87 -8.32
N ASP B 73 -8.58 -18.77 -9.26
CA ASP B 73 -9.56 -19.02 -10.32
C ASP B 73 -10.95 -19.40 -9.82
N ARG B 74 -11.03 -20.32 -8.88
CA ARG B 74 -12.31 -20.78 -8.37
C ARG B 74 -12.21 -21.41 -6.98
N GLY B 75 -13.35 -21.53 -6.31
CA GLY B 75 -13.40 -22.16 -5.01
C GLY B 75 -13.82 -23.60 -5.21
N PRO B 76 -14.39 -24.29 -4.20
CA PRO B 76 -14.65 -23.79 -2.85
C PRO B 76 -13.37 -23.73 -2.02
N VAL B 77 -13.40 -22.93 -0.96
CA VAL B 77 -12.25 -22.78 -0.08
C VAL B 77 -12.61 -23.15 1.36
N LEU B 78 -11.87 -24.11 1.91
CA LEU B 78 -12.09 -24.53 3.27
C LEU B 78 -11.28 -23.59 4.14
N VAL B 79 -11.96 -22.73 4.89
CA VAL B 79 -11.28 -21.78 5.77
C VAL B 79 -11.34 -22.25 7.21
N LEU B 80 -10.16 -22.59 7.75
CA LEU B 80 -10.06 -23.06 9.13
C LEU B 80 -10.07 -21.84 10.05
N VAL B 81 -11.12 -21.71 10.85
CA VAL B 81 -11.25 -20.56 11.73
C VAL B 81 -11.16 -20.82 13.22
N ASN B 82 -10.34 -20.02 13.89
CA ASN B 82 -10.20 -20.10 15.34
C ASN B 82 -9.68 -18.76 15.88
N GLY B 83 -9.99 -17.69 15.14
CA GLY B 83 -9.57 -16.37 15.53
C GLY B 83 -10.10 -15.27 14.65
N ALA B 84 -9.77 -14.03 14.98
CA ALA B 84 -10.23 -12.89 14.22
C ALA B 84 -9.65 -12.84 12.82
N PHE B 85 -8.38 -13.17 12.66
CA PHE B 85 -7.81 -13.08 11.34
C PHE B 85 -8.13 -14.20 10.37
N SER B 86 -8.42 -15.38 10.88
CA SER B 86 -8.82 -16.47 9.99
C SER B 86 -10.24 -16.08 9.54
N GLN B 87 -10.97 -15.36 10.40
CA GLN B 87 -12.32 -14.90 10.06
C GLN B 87 -12.24 -13.87 8.92
N ARG B 88 -11.19 -13.05 8.94
CA ARG B 88 -11.01 -12.05 7.89
C ARG B 88 -10.75 -12.78 6.59
N VAL B 89 -10.03 -13.90 6.68
CA VAL B 89 -9.75 -14.70 5.51
C VAL B 89 -11.07 -15.18 4.91
N ALA B 90 -11.98 -15.63 5.78
CA ALA B 90 -13.28 -16.11 5.37
C ALA B 90 -14.11 -14.97 4.74
N GLU B 91 -14.05 -13.79 5.35
CA GLU B 91 -14.79 -12.64 4.82
C GLU B 91 -14.32 -12.28 3.41
N MET B 92 -13.02 -12.37 3.17
CA MET B 92 -12.48 -12.04 1.85
C MET B 92 -12.88 -13.10 0.82
N ALA B 93 -12.79 -14.36 1.22
CA ALA B 93 -13.16 -15.47 0.34
C ALA B 93 -14.61 -15.34 -0.13
N ALA B 94 -15.49 -14.95 0.80
CA ALA B 94 -16.90 -14.77 0.47
C ALA B 94 -17.07 -13.63 -0.54
N LEU B 95 -16.50 -12.48 -0.22
CA LEU B 95 -16.58 -11.32 -1.10
C LEU B 95 -16.19 -11.68 -2.52
N HIS B 96 -15.10 -12.42 -2.68
CA HIS B 96 -14.62 -12.81 -4.00
C HIS B 96 -15.36 -14.01 -4.62
N GLY B 97 -16.47 -14.39 -4.01
CA GLY B 97 -17.26 -15.50 -4.51
C GLY B 97 -16.50 -16.82 -4.64
N LEU B 98 -15.67 -17.11 -3.65
CA LEU B 98 -14.89 -18.35 -3.66
C LEU B 98 -15.57 -19.47 -2.85
N ASP B 99 -16.86 -19.28 -2.57
CA ASP B 99 -17.64 -20.27 -1.81
C ASP B 99 -16.91 -20.80 -0.60
N PRO B 100 -16.60 -19.95 0.37
CA PRO B 100 -15.89 -20.44 1.55
C PRO B 100 -16.74 -21.36 2.41
N GLU B 101 -16.09 -22.37 2.97
CA GLU B 101 -16.72 -23.31 3.87
C GLU B 101 -15.90 -23.12 5.13
N VAL B 102 -16.52 -22.58 6.17
CA VAL B 102 -15.82 -22.35 7.43
C VAL B 102 -15.90 -23.55 8.37
N LEU B 103 -14.76 -23.89 8.97
CA LEU B 103 -14.68 -24.97 9.94
C LEU B 103 -14.18 -24.31 11.22
N ASP B 104 -15.12 -24.06 12.14
CA ASP B 104 -14.80 -23.38 13.40
C ASP B 104 -14.15 -24.21 14.49
N PHE B 105 -13.29 -23.54 15.24
CA PHE B 105 -12.61 -24.11 16.38
C PHE B 105 -12.69 -23.02 17.44
N PRO B 106 -12.83 -23.42 18.71
CA PRO B 106 -12.92 -22.45 19.80
C PRO B 106 -11.72 -21.52 19.92
N PRO B 107 -11.99 -20.20 20.07
CA PRO B 107 -10.92 -19.22 20.21
C PRO B 107 -10.12 -19.63 21.47
N GLY B 108 -8.80 -19.65 21.36
CA GLY B 108 -7.99 -20.05 22.49
C GLY B 108 -7.54 -21.49 22.31
N GLU B 109 -8.14 -22.18 21.33
CA GLU B 109 -7.79 -23.55 21.03
C GLU B 109 -7.19 -23.63 19.64
N PRO B 110 -6.21 -24.52 19.44
CA PRO B 110 -5.59 -24.65 18.12
C PRO B 110 -6.46 -25.47 17.18
N VAL B 111 -6.30 -25.27 15.87
CA VAL B 111 -7.06 -26.04 14.90
C VAL B 111 -6.68 -27.53 15.08
N ASP B 112 -7.65 -28.43 14.93
CA ASP B 112 -7.36 -29.86 15.08
C ASP B 112 -7.24 -30.56 13.73
N PRO B 113 -6.02 -31.02 13.37
CA PRO B 113 -5.78 -31.71 12.10
C PRO B 113 -6.77 -32.84 11.80
N GLU B 114 -7.18 -33.58 12.82
CA GLU B 114 -8.11 -34.69 12.61
C GLU B 114 -9.48 -34.19 12.13
N ALA B 115 -9.90 -33.02 12.58
CA ALA B 115 -11.18 -32.46 12.17
C ALA B 115 -11.05 -31.98 10.72
N VAL B 116 -9.88 -31.44 10.40
CA VAL B 116 -9.63 -30.96 9.05
C VAL B 116 -9.64 -32.15 8.09
N ALA B 117 -9.02 -33.25 8.52
CA ALA B 117 -8.97 -34.46 7.69
C ALA B 117 -10.37 -34.93 7.30
N ARG B 118 -11.31 -34.86 8.24
CA ARG B 118 -12.67 -35.29 7.96
C ARG B 118 -13.35 -34.35 6.97
N ALA B 119 -13.20 -33.04 7.19
CA ALA B 119 -13.81 -32.04 6.32
C ALA B 119 -13.34 -32.21 4.88
N LEU B 120 -12.04 -32.41 4.71
CA LEU B 120 -11.46 -32.59 3.37
C LEU B 120 -12.00 -33.83 2.67
N LYS B 121 -12.69 -34.68 3.41
CA LYS B 121 -13.25 -35.91 2.83
C LYS B 121 -14.74 -35.72 2.58
N ARG B 122 -15.26 -34.58 3.03
CA ARG B 122 -16.68 -34.27 2.85
C ARG B 122 -16.89 -33.55 1.52
N ARG B 123 -15.86 -32.87 1.04
CA ARG B 123 -15.92 -32.15 -0.23
C ARG B 123 -14.53 -31.91 -0.83
N ARG B 124 -14.50 -31.66 -2.14
CA ARG B 124 -13.24 -31.40 -2.83
C ARG B 124 -12.99 -29.90 -2.87
N TYR B 125 -11.97 -29.45 -2.13
CA TYR B 125 -11.63 -28.03 -2.08
C TYR B 125 -10.52 -27.63 -3.02
N ARG B 126 -10.64 -26.42 -3.57
CA ARG B 126 -9.62 -25.90 -4.45
C ARG B 126 -8.46 -25.41 -3.58
N MET B 127 -8.79 -24.91 -2.40
CA MET B 127 -7.79 -24.40 -1.46
C MET B 127 -8.21 -24.55 0.00
N VAL B 128 -7.21 -24.68 0.87
CA VAL B 128 -7.42 -24.80 2.31
C VAL B 128 -6.67 -23.61 2.92
N ALA B 129 -7.35 -22.78 3.72
CA ALA B 129 -6.72 -21.61 4.31
C ALA B 129 -6.55 -21.68 5.83
N LEU B 130 -5.35 -21.33 6.29
CA LEU B 130 -5.04 -21.39 7.71
C LEU B 130 -4.18 -20.21 8.15
N VAL B 131 -4.31 -19.84 9.42
CA VAL B 131 -3.50 -18.77 9.99
C VAL B 131 -2.45 -19.48 10.87
N HIS B 132 -1.18 -19.35 10.50
CA HIS B 132 -0.09 -20.01 11.25
C HIS B 132 -0.18 -19.64 12.72
N GLY B 133 -0.11 -18.35 13.00
CA GLY B 133 -0.21 -17.87 14.38
C GLY B 133 -1.34 -16.88 14.50
N GLU B 134 -2.40 -17.25 15.22
CA GLU B 134 -3.55 -16.37 15.38
C GLU B 134 -3.29 -15.32 16.46
N THR B 135 -3.00 -14.11 16.02
CA THR B 135 -2.69 -12.98 16.89
C THR B 135 -3.79 -12.61 17.88
N SER B 136 -5.05 -12.82 17.49
CA SER B 136 -6.17 -12.47 18.35
C SER B 136 -6.31 -13.39 19.57
N THR B 137 -5.79 -14.60 19.47
CA THR B 137 -5.92 -15.56 20.57
C THR B 137 -4.59 -16.03 21.16
N GLY B 138 -3.49 -15.71 20.50
CA GLY B 138 -2.19 -16.15 20.98
C GLY B 138 -2.03 -17.65 20.81
N VAL B 139 -2.62 -18.20 19.76
CA VAL B 139 -2.53 -19.63 19.50
C VAL B 139 -1.73 -19.98 18.24
N LEU B 140 -0.89 -21.01 18.35
CA LEU B 140 -0.08 -21.48 17.24
C LEU B 140 -0.77 -22.68 16.61
N ASN B 141 -1.13 -22.58 15.34
CA ASN B 141 -1.80 -23.67 14.66
C ASN B 141 -0.81 -24.65 14.03
N PRO B 142 -1.20 -25.93 13.94
CA PRO B 142 -0.35 -26.98 13.36
C PRO B 142 -0.24 -26.91 11.84
N ALA B 143 0.42 -25.86 11.37
CA ALA B 143 0.59 -25.63 9.93
C ALA B 143 1.13 -26.81 9.14
N GLU B 144 2.23 -27.41 9.61
CA GLU B 144 2.83 -28.53 8.90
C GLU B 144 1.86 -29.68 8.70
N ALA B 145 1.18 -30.08 9.77
CA ALA B 145 0.23 -31.18 9.70
C ALA B 145 -0.86 -30.90 8.67
N ILE B 146 -1.45 -29.72 8.76
CA ILE B 146 -2.53 -29.35 7.86
C ILE B 146 -2.10 -29.27 6.40
N GLY B 147 -0.84 -28.91 6.16
CA GLY B 147 -0.34 -28.83 4.81
C GLY B 147 -0.23 -30.22 4.21
N ALA B 148 0.18 -31.19 5.02
CA ALA B 148 0.29 -32.55 4.54
C ALA B 148 -1.08 -33.06 4.15
N LEU B 149 -2.10 -32.63 4.89
CA LEU B 149 -3.47 -33.03 4.60
C LEU B 149 -3.96 -32.36 3.33
N ALA B 150 -3.58 -31.11 3.13
CA ALA B 150 -3.97 -30.36 1.96
C ALA B 150 -3.43 -31.01 0.68
N LYS B 151 -2.16 -31.35 0.70
CA LYS B 151 -1.50 -31.97 -0.44
C LYS B 151 -2.18 -33.29 -0.81
N GLU B 152 -2.59 -34.06 0.20
CA GLU B 152 -3.26 -35.32 -0.04
C GLU B 152 -4.61 -35.05 -0.70
N ALA B 153 -5.29 -34.00 -0.25
CA ALA B 153 -6.58 -33.66 -0.78
C ALA B 153 -6.47 -32.98 -2.14
N GLY B 154 -5.25 -32.66 -2.55
CA GLY B 154 -5.06 -32.00 -3.84
C GLY B 154 -5.47 -30.54 -3.78
N ALA B 155 -5.52 -29.99 -2.57
CA ALA B 155 -5.91 -28.60 -2.37
C ALA B 155 -4.70 -27.70 -2.17
N LEU B 156 -4.77 -26.48 -2.67
CA LEU B 156 -3.69 -25.52 -2.50
C LEU B 156 -3.71 -25.14 -1.02
N PHE B 157 -2.53 -24.88 -0.44
CA PHE B 157 -2.44 -24.53 0.97
C PHE B 157 -2.04 -23.08 1.15
N PHE B 158 -3.00 -22.29 1.62
CA PHE B 158 -2.88 -20.84 1.87
C PHE B 158 -2.55 -20.62 3.35
N LEU B 159 -1.43 -19.98 3.64
CA LEU B 159 -1.04 -19.76 5.03
C LEU B 159 -0.60 -18.35 5.42
N ASP B 160 -1.32 -17.80 6.40
CA ASP B 160 -1.06 -16.49 6.96
C ASP B 160 0.12 -16.68 7.93
N ALA B 161 1.29 -16.13 7.59
CA ALA B 161 2.47 -16.30 8.44
C ALA B 161 2.91 -15.00 9.12
N VAL B 162 1.98 -14.08 9.27
CA VAL B 162 2.24 -12.79 9.89
C VAL B 162 2.96 -12.85 11.24
N THR B 163 2.54 -13.75 12.12
CA THR B 163 3.19 -13.84 13.44
C THR B 163 4.27 -14.90 13.54
N THR B 164 4.61 -15.51 12.40
CA THR B 164 5.63 -16.56 12.40
C THR B 164 6.85 -16.33 11.48
N LEU B 165 6.61 -15.89 10.25
CA LEU B 165 7.71 -15.65 9.32
C LEU B 165 8.70 -14.63 9.90
N GLY B 166 9.97 -15.03 9.98
CA GLY B 166 10.98 -14.14 10.52
C GLY B 166 11.24 -14.32 12.01
N MET B 167 10.55 -15.27 12.64
CA MET B 167 10.73 -15.51 14.06
C MET B 167 10.68 -17.01 14.42
N LEU B 168 9.83 -17.76 13.74
CA LEU B 168 9.69 -19.20 13.98
C LEU B 168 10.10 -20.01 12.76
N PRO B 169 10.52 -21.27 12.97
CA PRO B 169 10.93 -22.13 11.84
C PRO B 169 9.85 -22.09 10.78
N PHE B 170 10.23 -21.91 9.53
CA PHE B 170 9.26 -21.82 8.46
C PHE B 170 9.81 -22.30 7.12
N SER B 171 8.98 -23.01 6.38
CA SER B 171 9.36 -23.53 5.08
C SER B 171 8.13 -23.94 4.29
N MET B 172 7.87 -23.24 3.19
CA MET B 172 6.71 -23.55 2.36
C MET B 172 6.83 -24.96 1.80
N ARG B 173 8.05 -25.36 1.45
CA ARG B 173 8.27 -26.68 0.90
C ARG B 173 8.00 -27.79 1.92
N ALA B 174 8.54 -27.63 3.12
CA ALA B 174 8.34 -28.64 4.15
C ALA B 174 6.89 -28.69 4.63
N MET B 175 6.22 -27.54 4.60
CA MET B 175 4.84 -27.44 5.06
C MET B 175 3.81 -27.57 3.94
N GLY B 176 4.27 -27.81 2.72
CA GLY B 176 3.37 -27.95 1.60
C GLY B 176 2.51 -26.71 1.37
N VAL B 177 3.09 -25.54 1.62
CA VAL B 177 2.40 -24.27 1.44
C VAL B 177 2.49 -23.78 0.00
N ASP B 178 1.38 -23.27 -0.51
CA ASP B 178 1.32 -22.74 -1.87
C ASP B 178 1.31 -21.21 -1.88
N TYR B 179 0.64 -20.63 -0.88
CA TYR B 179 0.59 -19.19 -0.77
C TYR B 179 0.87 -18.78 0.67
N ALA B 180 1.90 -17.98 0.87
CA ALA B 180 2.26 -17.50 2.20
C ALA B 180 2.43 -15.98 2.16
N PHE B 181 2.21 -15.32 3.29
CA PHE B 181 2.36 -13.88 3.35
C PHE B 181 2.58 -13.37 4.77
N THR B 182 2.99 -12.12 4.86
CA THR B 182 3.19 -11.47 6.13
C THR B 182 3.24 -9.97 5.88
N GLY B 183 3.51 -9.22 6.94
CA GLY B 183 3.60 -7.77 6.83
C GLY B 183 5.01 -7.38 7.21
N SER B 184 5.46 -6.22 6.76
CA SER B 184 6.81 -5.78 7.07
C SER B 184 7.02 -5.41 8.54
N GLN B 185 5.96 -4.92 9.19
CA GLN B 185 6.01 -4.47 10.58
C GLN B 185 5.85 -5.56 11.66
N LYS B 186 5.77 -6.81 11.24
CA LYS B 186 5.60 -7.92 12.18
C LYS B 186 6.93 -8.45 12.72
N CYS B 187 7.19 -9.74 12.53
CA CYS B 187 8.43 -10.34 13.04
C CYS B 187 9.69 -9.78 12.37
N LEU B 188 9.52 -9.14 11.21
CA LEU B 188 10.65 -8.55 10.50
C LEU B 188 11.08 -7.22 11.13
N SER B 189 10.21 -6.66 11.97
CA SER B 189 10.49 -5.40 12.66
C SER B 189 10.85 -4.23 11.75
N ALA B 190 10.18 -4.15 10.60
CA ALA B 190 10.44 -3.06 9.65
C ALA B 190 9.28 -2.08 9.66
N PRO B 191 9.41 -0.95 8.97
CA PRO B 191 8.32 0.02 8.96
C PRO B 191 7.15 -0.58 8.19
N PRO B 192 5.92 -0.37 8.68
CA PRO B 192 4.76 -0.92 7.97
C PRO B 192 4.62 -0.27 6.61
N GLY B 193 3.95 -0.97 5.69
CA GLY B 193 3.76 -0.42 4.35
C GLY B 193 4.03 -1.41 3.25
N LEU B 194 4.58 -2.57 3.60
CA LEU B 194 4.87 -3.61 2.63
C LEU B 194 4.32 -4.94 3.10
N ALA B 195 4.08 -5.83 2.15
CA ALA B 195 3.55 -7.15 2.48
C ALA B 195 4.27 -8.24 1.67
N PRO B 196 5.31 -8.83 2.26
CA PRO B 196 6.06 -9.89 1.58
C PRO B 196 5.15 -11.07 1.26
N ILE B 197 5.22 -11.57 0.04
CA ILE B 197 4.40 -12.70 -0.37
C ILE B 197 5.20 -13.71 -1.19
N ALA B 198 4.74 -14.95 -1.19
CA ALA B 198 5.40 -16.02 -1.93
C ALA B 198 4.35 -16.97 -2.47
N ALA B 199 4.26 -17.08 -3.79
CA ALA B 199 3.28 -17.97 -4.41
C ALA B 199 4.01 -19.11 -5.11
N SER B 200 3.63 -20.34 -4.79
CA SER B 200 4.27 -21.51 -5.39
C SER B 200 3.88 -21.61 -6.86
N LEU B 201 4.68 -22.33 -7.64
CA LEU B 201 4.39 -22.51 -9.06
C LEU B 201 2.95 -22.98 -9.24
N GLU B 202 2.52 -23.90 -8.36
CA GLU B 202 1.16 -24.43 -8.41
C GLU B 202 0.10 -23.39 -8.08
N ALA B 203 0.45 -22.43 -7.24
CA ALA B 203 -0.49 -21.38 -6.90
C ALA B 203 -0.63 -20.48 -8.12
N ARG B 204 0.51 -20.17 -8.75
CA ARG B 204 0.54 -19.31 -9.94
C ARG B 204 -0.29 -19.88 -11.08
N LYS B 205 -0.23 -21.20 -11.26
CA LYS B 205 -0.99 -21.85 -12.30
C LYS B 205 -2.48 -21.68 -12.03
N ALA B 206 -2.87 -21.75 -10.77
CA ALA B 206 -4.27 -21.62 -10.39
C ALA B 206 -4.72 -20.17 -10.24
N PHE B 207 -3.75 -19.25 -10.17
CA PHE B 207 -4.04 -17.83 -10.00
C PHE B 207 -4.34 -17.11 -11.31
N THR B 208 -5.49 -17.42 -11.89
CA THR B 208 -5.90 -16.81 -13.16
C THR B 208 -7.18 -16.02 -12.98
N GLY B 209 -7.53 -15.75 -11.73
CA GLY B 209 -8.72 -14.99 -11.44
C GLY B 209 -8.37 -13.52 -11.60
N LYS B 210 -9.26 -12.76 -12.21
CA LYS B 210 -9.02 -11.33 -12.40
C LYS B 210 -10.17 -10.62 -11.70
N ARG B 211 -9.94 -10.22 -10.46
CA ARG B 211 -10.98 -9.54 -9.69
C ARG B 211 -10.52 -8.16 -9.20
N GLY B 212 -9.19 -8.00 -9.10
CA GLY B 212 -8.64 -6.73 -8.67
C GLY B 212 -7.45 -6.35 -9.52
N TRP B 213 -7.26 -5.07 -9.75
CA TRP B 213 -6.15 -4.60 -10.58
C TRP B 213 -4.85 -4.48 -9.78
N TYR B 214 -4.89 -3.67 -8.72
CA TYR B 214 -3.74 -3.43 -7.87
C TYR B 214 -3.09 -4.70 -7.32
N LEU B 215 -3.92 -5.65 -6.87
CA LEU B 215 -3.43 -6.90 -6.30
C LEU B 215 -3.27 -8.06 -7.28
N ASP B 216 -3.25 -7.75 -8.58
CA ASP B 216 -3.10 -8.79 -9.61
C ASP B 216 -1.65 -9.30 -9.53
N LEU B 217 -1.46 -10.54 -9.10
CA LEU B 217 -0.11 -11.08 -8.98
C LEU B 217 0.61 -11.22 -10.31
N ALA B 218 -0.15 -11.30 -11.41
CA ALA B 218 0.45 -11.41 -12.73
C ALA B 218 1.15 -10.07 -13.04
N ARG B 219 0.51 -8.97 -12.66
CA ARG B 219 1.08 -7.65 -12.88
C ARG B 219 2.27 -7.45 -11.95
N VAL B 220 2.11 -7.84 -10.69
CA VAL B 220 3.19 -7.72 -9.71
C VAL B 220 4.41 -8.45 -10.25
N ALA B 221 4.19 -9.65 -10.77
CA ALA B 221 5.24 -10.49 -11.34
C ALA B 221 6.01 -9.74 -12.43
N GLU B 222 5.26 -9.06 -13.30
CA GLU B 222 5.88 -8.30 -14.38
C GLU B 222 6.91 -7.30 -13.82
N HIS B 223 6.61 -6.69 -12.69
CA HIS B 223 7.56 -5.73 -12.12
C HIS B 223 8.70 -6.40 -11.33
N TRP B 224 8.36 -7.33 -10.45
CA TRP B 224 9.35 -8.01 -9.62
C TRP B 224 10.22 -9.05 -10.32
N GLU B 225 9.72 -9.60 -11.42
CA GLU B 225 10.48 -10.60 -12.15
C GLU B 225 11.11 -10.04 -13.43
N ARG B 226 10.45 -9.06 -14.06
CA ARG B 226 10.98 -8.49 -15.30
C ARG B 226 11.27 -7.00 -15.25
N GLY B 227 11.19 -6.42 -14.04
CA GLY B 227 11.46 -5.00 -13.90
C GLY B 227 10.57 -4.08 -14.69
N GLY B 228 9.40 -4.58 -15.10
CA GLY B 228 8.47 -3.75 -15.85
C GLY B 228 7.69 -2.82 -14.93
N TYR B 229 6.87 -1.95 -15.51
CA TYR B 229 6.09 -1.03 -14.71
C TYR B 229 4.70 -1.55 -14.32
N HIS B 230 4.45 -1.64 -13.02
CA HIS B 230 3.14 -2.04 -12.55
C HIS B 230 2.59 -0.74 -11.95
N HIS B 231 3.21 -0.29 -10.88
CA HIS B 231 2.82 0.96 -10.22
C HIS B 231 4.02 1.41 -9.40
N THR B 232 4.06 2.69 -9.04
CA THR B 232 5.17 3.23 -8.27
C THR B 232 5.24 2.57 -6.89
N THR B 233 6.42 2.04 -6.55
CA THR B 233 6.63 1.37 -5.28
C THR B 233 7.13 2.29 -4.17
N PRO B 234 6.94 1.88 -2.90
CA PRO B 234 7.38 2.67 -1.74
C PRO B 234 8.89 2.46 -1.59
N VAL B 235 9.66 3.03 -2.53
CA VAL B 235 11.10 2.88 -2.56
C VAL B 235 11.86 2.94 -1.23
N LEU B 236 11.57 3.93 -0.40
CA LEU B 236 12.30 4.01 0.88
C LEU B 236 11.95 2.83 1.78
N LEU B 237 10.71 2.35 1.72
CA LEU B 237 10.32 1.21 2.54
C LEU B 237 11.11 -0.03 2.07
N HIS B 238 11.36 -0.12 0.76
CA HIS B 238 12.12 -1.21 0.19
C HIS B 238 13.53 -1.21 0.78
N TYR B 239 14.12 -0.03 0.88
CA TYR B 239 15.46 0.10 1.44
C TYR B 239 15.45 -0.45 2.87
N ALA B 240 14.46 -0.03 3.64
CA ALA B 240 14.32 -0.44 5.03
C ALA B 240 14.05 -1.93 5.18
N LEU B 241 13.13 -2.46 4.37
CA LEU B 241 12.79 -3.86 4.45
C LEU B 241 14.01 -4.77 4.26
N LEU B 242 14.85 -4.44 3.28
CA LEU B 242 16.04 -5.24 3.00
C LEU B 242 16.99 -5.25 4.19
N GLU B 243 17.12 -4.11 4.84
CA GLU B 243 18.00 -3.99 5.99
C GLU B 243 17.45 -4.83 7.15
N ALA B 244 16.13 -4.86 7.27
CA ALA B 244 15.49 -5.63 8.34
C ALA B 244 15.66 -7.12 8.06
N LEU B 245 15.53 -7.50 6.79
CA LEU B 245 15.67 -8.89 6.37
C LEU B 245 17.08 -9.41 6.67
N ASP B 246 18.09 -8.59 6.45
CA ASP B 246 19.46 -8.99 6.75
C ASP B 246 19.63 -9.17 8.25
N LEU B 247 19.06 -8.28 9.04
CA LEU B 247 19.14 -8.39 10.49
C LEU B 247 18.58 -9.73 10.92
N VAL B 248 17.51 -10.17 10.26
CA VAL B 248 16.88 -11.45 10.61
C VAL B 248 17.79 -12.61 10.26
N LEU B 249 18.32 -12.63 9.04
CA LEU B 249 19.20 -13.71 8.61
C LEU B 249 20.53 -13.77 9.36
N GLU B 250 20.98 -12.62 9.85
CA GLU B 250 22.24 -12.52 10.59
C GLU B 250 22.12 -13.14 11.97
N GLU B 251 20.93 -13.06 12.55
CA GLU B 251 20.68 -13.63 13.86
C GLU B 251 20.27 -15.09 13.70
N GLY B 252 19.45 -15.38 12.70
CA GLY B 252 19.02 -16.74 12.46
C GLY B 252 17.65 -17.01 13.07
N VAL B 253 16.77 -17.62 12.29
CA VAL B 253 15.43 -17.91 12.76
C VAL B 253 15.40 -18.79 14.01
N ALA B 254 16.28 -19.79 14.05
CA ALA B 254 16.33 -20.68 15.20
C ALA B 254 16.62 -19.88 16.47
N ALA B 255 17.59 -18.97 16.39
CA ALA B 255 17.93 -18.15 17.54
C ALA B 255 16.83 -17.15 17.89
N ARG B 256 16.14 -16.65 16.87
CA ARG B 256 15.05 -15.69 17.11
C ARG B 256 13.89 -16.40 17.78
N GLU B 257 13.65 -17.66 17.43
CA GLU B 257 12.57 -18.39 18.09
C GLU B 257 12.92 -18.53 19.56
N ARG B 258 14.15 -18.95 19.82
CA ARG B 258 14.61 -19.13 21.18
C ARG B 258 14.45 -17.83 21.99
N ARG B 259 14.80 -16.72 21.35
CA ARG B 259 14.70 -15.40 21.98
C ARG B 259 13.25 -15.11 22.39
N ALA B 260 12.33 -15.34 21.46
CA ALA B 260 10.92 -15.11 21.71
C ALA B 260 10.35 -16.04 22.79
N ARG B 261 10.67 -17.33 22.70
CA ARG B 261 10.16 -18.30 23.67
C ARG B 261 10.71 -18.05 25.07
N GLU B 262 11.94 -17.57 25.15
CA GLU B 262 12.56 -17.28 26.44
C GLU B 262 11.83 -16.15 27.16
N VAL B 263 11.57 -15.06 26.44
CA VAL B 263 10.88 -13.91 27.02
C VAL B 263 9.44 -14.29 27.38
N TYR B 264 8.81 -15.07 26.52
CA TYR B 264 7.44 -15.52 26.74
C TYR B 264 7.30 -16.18 28.11
N ALA B 265 8.16 -17.15 28.38
CA ALA B 265 8.11 -17.88 29.64
C ALA B 265 8.32 -16.96 30.83
N TRP B 266 9.34 -16.11 30.75
CA TRP B 266 9.65 -15.18 31.83
C TRP B 266 8.52 -14.18 32.10
N VAL B 267 8.06 -13.50 31.06
CA VAL B 267 6.99 -12.54 31.24
C VAL B 267 5.72 -13.21 31.77
N LEU B 268 5.41 -14.41 31.27
CA LEU B 268 4.21 -15.10 31.73
C LEU B 268 4.27 -15.39 33.23
N GLU B 269 5.40 -15.86 33.74
CA GLU B 269 5.49 -16.14 35.17
C GLU B 269 5.32 -14.85 35.96
N GLU B 270 5.99 -13.79 35.53
CA GLU B 270 5.87 -12.50 36.20
C GLU B 270 4.39 -12.08 36.25
N LEU B 271 3.69 -12.32 35.14
CA LEU B 271 2.27 -11.96 35.04
C LEU B 271 1.37 -12.86 35.87
N LYS B 272 1.71 -14.14 35.95
CA LYS B 272 0.91 -15.06 36.76
C LYS B 272 1.07 -14.65 38.23
N ALA B 273 2.29 -14.30 38.61
CA ALA B 273 2.57 -13.89 39.98
C ALA B 273 1.72 -12.67 40.33
N ARG B 274 1.37 -11.88 39.32
CA ARG B 274 0.56 -10.69 39.53
C ARG B 274 -0.94 -10.93 39.34
N GLY B 275 -1.33 -12.20 39.22
CA GLY B 275 -2.73 -12.53 39.06
C GLY B 275 -3.26 -12.71 37.66
N PHE B 276 -2.41 -12.50 36.65
CA PHE B 276 -2.82 -12.66 35.26
C PHE B 276 -2.93 -14.16 34.94
N ARG B 277 -3.66 -14.48 33.88
CA ARG B 277 -3.81 -15.88 33.47
C ARG B 277 -3.72 -15.97 31.95
N PRO B 278 -3.03 -16.99 31.43
CA PRO B 278 -2.88 -17.16 29.99
C PRO B 278 -4.21 -17.45 29.30
N TYR B 279 -4.42 -16.82 28.15
CA TYR B 279 -5.65 -17.02 27.39
C TYR B 279 -5.65 -18.35 26.62
N PRO B 280 -4.59 -18.65 25.85
CA PRO B 280 -4.58 -19.91 25.11
C PRO B 280 -4.75 -21.12 26.02
N LYS B 281 -5.57 -22.06 25.58
CA LYS B 281 -5.83 -23.27 26.35
C LYS B 281 -4.83 -24.35 25.95
N ALA B 282 -4.25 -24.18 24.77
CA ALA B 282 -3.26 -25.13 24.26
C ALA B 282 -2.50 -24.51 23.10
N SER B 283 -1.28 -25.01 22.88
CA SER B 283 -0.44 -24.54 21.79
C SER B 283 -0.28 -23.02 21.75
N PRO B 284 0.37 -22.45 22.79
CA PRO B 284 0.55 -20.99 22.83
C PRO B 284 1.53 -20.47 21.77
N LEU B 285 1.17 -19.35 21.15
CA LEU B 285 1.99 -18.71 20.13
C LEU B 285 3.08 -17.94 20.87
N PRO B 286 4.34 -18.36 20.72
CA PRO B 286 5.44 -17.67 21.41
C PRO B 286 5.65 -16.20 21.06
N THR B 287 5.19 -15.79 19.88
CA THR B 287 5.37 -14.41 19.43
C THR B 287 4.31 -13.43 19.87
N VAL B 288 3.25 -13.93 20.51
CA VAL B 288 2.16 -13.09 20.99
C VAL B 288 1.65 -13.62 22.32
N LEU B 289 1.93 -12.90 23.39
CA LEU B 289 1.49 -13.33 24.72
C LEU B 289 0.12 -12.72 25.02
N VAL B 290 -0.90 -13.56 25.09
CA VAL B 290 -2.25 -13.10 25.36
C VAL B 290 -2.65 -13.55 26.76
N VAL B 291 -3.03 -12.58 27.59
CA VAL B 291 -3.40 -12.87 28.97
C VAL B 291 -4.68 -12.21 29.42
N ARG B 292 -5.32 -12.83 30.40
CA ARG B 292 -6.55 -12.30 30.97
C ARG B 292 -6.06 -11.54 32.20
N PRO B 293 -6.68 -10.39 32.51
CA PRO B 293 -6.25 -9.61 33.67
C PRO B 293 -6.60 -10.23 35.01
N PRO B 294 -6.02 -9.72 36.10
CA PRO B 294 -6.28 -10.23 37.45
C PRO B 294 -7.74 -10.01 37.83
N GLU B 295 -8.19 -10.61 38.92
CA GLU B 295 -9.56 -10.44 39.36
C GLU B 295 -9.81 -8.97 39.66
N GLY B 296 -10.98 -8.47 39.26
CA GLY B 296 -11.32 -7.09 39.51
C GLY B 296 -10.70 -6.09 38.55
N VAL B 297 -9.80 -6.54 37.69
CA VAL B 297 -9.17 -5.60 36.76
C VAL B 297 -9.72 -5.73 35.34
N ASP B 298 -10.17 -4.62 34.77
CA ASP B 298 -10.72 -4.61 33.42
C ASP B 298 -9.61 -4.55 32.38
N ALA B 299 -9.70 -5.40 31.35
CA ALA B 299 -8.68 -5.46 30.32
C ALA B 299 -8.43 -4.15 29.57
N ASP B 300 -9.48 -3.59 28.96
CA ASP B 300 -9.34 -2.36 28.21
C ASP B 300 -8.92 -1.17 29.07
N ARG B 301 -9.39 -1.13 30.31
CA ARG B 301 -9.03 -0.04 31.21
C ARG B 301 -7.53 -0.15 31.53
N LEU B 302 -7.05 -1.38 31.68
CA LEU B 302 -5.65 -1.60 31.97
C LEU B 302 -4.79 -1.18 30.78
N VAL B 303 -5.30 -1.40 29.57
CA VAL B 303 -4.57 -1.02 28.37
C VAL B 303 -4.39 0.50 28.34
N ARG B 304 -5.44 1.22 28.71
CA ARG B 304 -5.36 2.67 28.74
C ARG B 304 -4.42 3.11 29.86
N ALA B 305 -4.50 2.43 31.00
CA ALA B 305 -3.65 2.76 32.14
C ALA B 305 -2.17 2.59 31.74
N LEU B 306 -1.86 1.50 31.05
CA LEU B 306 -0.50 1.24 30.62
C LEU B 306 -0.03 2.36 29.69
N TYR B 307 -0.86 2.74 28.74
CA TYR B 307 -0.55 3.82 27.80
C TYR B 307 -0.15 5.06 28.61
N ALA B 308 -0.96 5.37 29.62
CA ALA B 308 -0.69 6.53 30.47
C ALA B 308 0.67 6.39 31.16
N GLU B 309 1.17 5.16 31.29
CA GLU B 309 2.46 4.94 31.92
C GLU B 309 3.58 4.91 30.87
N GLY B 310 3.22 5.21 29.62
CA GLY B 310 4.21 5.23 28.56
C GLY B 310 4.41 3.91 27.83
N VAL B 311 3.51 2.95 28.00
CA VAL B 311 3.65 1.67 27.32
C VAL B 311 2.42 1.31 26.48
N ALA B 312 2.65 0.96 25.22
CA ALA B 312 1.56 0.61 24.32
C ALA B 312 1.39 -0.89 24.08
N VAL B 313 0.26 -1.44 24.51
CA VAL B 313 -0.03 -2.85 24.28
C VAL B 313 -1.42 -2.86 23.66
N ALA B 314 -1.86 -4.01 23.18
CA ALA B 314 -3.17 -4.10 22.57
C ALA B 314 -4.15 -4.85 23.47
N GLY B 315 -5.43 -4.53 23.31
CA GLY B 315 -6.46 -5.20 24.06
C GLY B 315 -6.90 -6.35 23.17
N GLY B 316 -8.06 -6.93 23.43
CA GLY B 316 -8.52 -8.03 22.61
C GLY B 316 -8.95 -7.55 21.23
N ILE B 317 -9.24 -8.49 20.34
CA ILE B 317 -9.71 -8.15 19.01
C ILE B 317 -10.59 -9.30 18.51
N GLY B 318 -11.70 -8.95 17.86
CA GLY B 318 -12.61 -9.97 17.38
C GLY B 318 -13.17 -10.81 18.52
N PRO B 319 -12.98 -12.14 18.48
CA PRO B 319 -13.50 -12.99 19.56
C PRO B 319 -12.98 -12.72 20.96
N THR B 320 -11.84 -12.03 21.09
CA THR B 320 -11.31 -11.77 22.42
C THR B 320 -11.43 -10.32 22.87
N ARG B 321 -12.28 -9.56 22.18
CA ARG B 321 -12.50 -8.16 22.53
C ARG B 321 -12.86 -7.97 23.99
N GLY B 322 -12.16 -7.04 24.66
CA GLY B 322 -12.42 -6.74 26.06
C GLY B 322 -12.13 -7.82 27.10
N GLN B 323 -11.59 -8.95 26.67
CA GLN B 323 -11.31 -10.05 27.60
C GLN B 323 -9.82 -10.23 27.91
N VAL B 324 -8.94 -9.64 27.11
CA VAL B 324 -7.51 -9.86 27.33
C VAL B 324 -6.61 -8.67 26.98
N LEU B 325 -5.31 -8.93 27.12
CA LEU B 325 -4.25 -8.00 26.77
C LEU B 325 -3.38 -8.81 25.82
N ARG B 326 -2.93 -8.21 24.74
CA ARG B 326 -2.09 -8.89 23.79
C ARG B 326 -0.75 -8.19 23.70
N LEU B 327 0.29 -8.89 24.12
CA LEU B 327 1.65 -8.36 24.15
C LEU B 327 2.50 -8.90 23.02
N GLY B 328 3.15 -8.00 22.29
CA GLY B 328 3.98 -8.41 21.18
C GLY B 328 5.35 -8.95 21.56
N LEU B 329 5.69 -10.10 20.99
CA LEU B 329 6.98 -10.72 21.21
C LEU B 329 7.55 -11.04 19.84
N MET B 330 7.35 -10.09 18.93
CA MET B 330 7.81 -10.19 17.55
C MET B 330 8.92 -9.17 17.31
N GLY B 331 9.93 -9.58 16.56
CA GLY B 331 11.03 -8.67 16.28
C GLY B 331 11.59 -8.09 17.55
N GLU B 332 11.80 -6.78 17.56
CA GLU B 332 12.35 -6.11 18.73
C GLU B 332 11.47 -6.16 19.97
N GLY B 333 10.28 -6.76 19.85
CA GLY B 333 9.38 -6.87 20.98
C GLY B 333 9.92 -7.91 21.96
N ALA B 334 10.60 -8.91 21.41
CA ALA B 334 11.18 -9.98 22.22
C ALA B 334 12.52 -9.56 22.82
N ARG B 335 12.47 -8.63 23.76
CA ARG B 335 13.67 -8.14 24.43
C ARG B 335 13.42 -8.05 25.93
N ARG B 336 14.42 -8.41 26.72
CA ARG B 336 14.29 -8.38 28.17
C ARG B 336 14.13 -6.95 28.68
N GLU B 337 14.98 -6.05 28.20
CA GLU B 337 14.93 -4.65 28.61
C GLU B 337 13.54 -4.07 28.36
N ALA B 338 12.97 -4.37 27.19
CA ALA B 338 11.64 -3.87 26.85
C ALA B 338 10.58 -4.31 27.84
N TYR B 339 10.54 -5.61 28.14
CA TYR B 339 9.54 -6.09 29.06
C TYR B 339 9.79 -5.82 30.53
N GLN B 340 11.03 -5.47 30.88
CA GLN B 340 11.30 -5.12 32.28
C GLN B 340 10.64 -3.75 32.49
N ALA B 341 10.70 -2.91 31.46
CA ALA B 341 10.09 -1.59 31.55
C ALA B 341 8.58 -1.78 31.56
N PHE B 342 8.12 -2.80 30.83
CA PHE B 342 6.69 -3.10 30.78
C PHE B 342 6.19 -3.39 32.18
N LEU B 343 6.90 -4.26 32.90
CA LEU B 343 6.50 -4.63 34.25
C LEU B 343 6.50 -3.44 35.22
N LYS B 344 7.46 -2.54 35.04
CA LYS B 344 7.55 -1.37 35.91
C LYS B 344 6.34 -0.49 35.69
N ALA B 345 5.99 -0.27 34.43
CA ALA B 345 4.84 0.55 34.10
C ALA B 345 3.57 -0.15 34.56
N LEU B 346 3.52 -1.46 34.39
CA LEU B 346 2.37 -2.28 34.77
C LEU B 346 2.06 -2.20 36.25
N ASP B 347 3.10 -2.26 37.07
CA ASP B 347 2.89 -2.19 38.50
C ASP B 347 2.44 -0.80 38.91
N ARG B 348 2.87 0.21 38.17
CA ARG B 348 2.45 1.57 38.44
C ARG B 348 0.96 1.64 38.12
N ALA B 349 0.56 1.03 37.02
CA ALA B 349 -0.84 1.03 36.60
C ALA B 349 -1.71 0.26 37.57
N LEU B 350 -1.25 -0.90 38.01
CA LEU B 350 -1.98 -1.74 38.95
C LEU B 350 -2.13 -1.08 40.33
N ALA B 351 -1.20 -0.20 40.68
CA ALA B 351 -1.24 0.47 41.96
C ALA B 351 -2.46 1.38 42.04
N LEU B 352 -2.77 2.05 40.94
CA LEU B 352 -3.93 2.95 40.91
C LEU B 352 -5.19 2.08 40.97
#